data_6O3E
#
_entry.id   6O3E
#
_cell.length_a   145.262
_cell.length_b   145.262
_cell.length_c   136.269
_cell.angle_alpha   90.000
_cell.angle_beta   90.000
_cell.angle_gamma   120.000
#
_symmetry.space_group_name_H-M   'P 32'
#
_entity_poly.entity_id   1
_entity_poly.type   'polypeptide(L)'
_entity_poly.pdbx_seq_one_letter_code
;GGILESQFLKEELVVAVEDVRKQGDLMKSAAGEFADDPSSSVKRGNMVRAARALLSAVTRLLILADMADVYKLLVQLKVV
EDGILKLRNAGNEQDLGIQYKALKPEVDKLNIMAAKRQQELKDVGNRDQMAAARGILQKNVPILYTASQACLQHPDVAAY
KANRDLIYKQLQQAVTGISNAAQATASDDAAQHQGGSGGELAYALNNFDKQIIVDPLSFSEERFRPSLEERLESIISGAA
LMADSSCTRDDRRERIVAECNAVRQALQDLLSEYMGNAGRKERSDALNSAIDKMTKKTRDLRRQLRKAVMDHVSDSFLET
NVPLLVLIEAAKNGNEKEVKEYAQVFREHANKLIEVANLACSISNNEEGVKLVRMSASQLEALCPQVINAALALAAKPQS
KLAQENMDLFKEQWEKQVRVLTDAVDDITSIDDFLAVSENHILEDVNKCVIALQEKDVDGLDRTAGAIRGRAARVIHVVT
SEMDNYEPGVYTEKVLEATKLLSNTVMPRFTEQVEAAVEALSSDPAQPMDENEFIDASRLVYDGIRDIRKAVLMIRTPEE
LDDSDFETEDFDVRSRTSVQTEDDQLIAGQSARAIMAQLPQEQKAKIAEQVASFQEEKSKLDAEVSKWDDSGNDIIVLAK
QMCMIMMEMTDFTRGKGPLKNTSDVISAAKKIAEAGSRMDKLGRTIADHCPDSACKQDLLAYLQRIALYCHQLNICSKVK
AEVQNLGGELVVSGVDSAMSLIQAAKNLMNAVVQTVKASYVASTKYQKSQGMASLNLPAVSWKMKAPEKKPLVKREKQDE
TQTKIK
;
_entity_poly.pdbx_strand_id   A,B
#
# COMPACT_ATOMS: atom_id res chain seq x y z
N GLN A 7 -36.98 -8.81 5.59
CA GLN A 7 -37.22 -10.19 5.20
C GLN A 7 -38.00 -10.26 3.89
N PHE A 8 -38.10 -9.12 3.21
CA PHE A 8 -38.82 -9.03 1.95
C PHE A 8 -38.00 -9.51 0.76
N LEU A 9 -36.74 -9.88 0.96
CA LEU A 9 -35.87 -10.28 -0.14
C LEU A 9 -35.99 -11.75 -0.52
N LYS A 10 -36.82 -12.52 0.18
CA LYS A 10 -36.93 -13.95 -0.10
C LYS A 10 -37.40 -14.22 -1.53
N GLU A 11 -38.03 -13.24 -2.17
CA GLU A 11 -38.39 -13.37 -3.58
C GLU A 11 -37.15 -13.58 -4.45
N GLU A 12 -36.19 -12.64 -4.36
CA GLU A 12 -34.93 -12.81 -5.08
C GLU A 12 -34.19 -14.06 -4.62
N LEU A 13 -34.43 -14.48 -3.38
CA LEU A 13 -33.83 -15.73 -2.89
C LEU A 13 -34.34 -16.92 -3.69
N VAL A 14 -35.66 -17.04 -3.85
CA VAL A 14 -36.22 -18.13 -4.66
C VAL A 14 -35.78 -18.00 -6.11
N VAL A 15 -35.65 -16.76 -6.60
CA VAL A 15 -35.13 -16.53 -7.95
C VAL A 15 -33.76 -17.17 -8.11
N ALA A 16 -32.82 -16.79 -7.24
CA ALA A 16 -31.47 -17.33 -7.30
C ALA A 16 -31.45 -18.83 -7.03
N VAL A 17 -32.40 -19.34 -6.26
CA VAL A 17 -32.44 -20.78 -5.99
C VAL A 17 -32.80 -21.55 -7.26
N GLU A 18 -33.83 -21.09 -7.98
CA GLU A 18 -34.17 -21.73 -9.24
C GLU A 18 -33.02 -21.60 -10.24
N ASP A 19 -32.37 -20.42 -10.27
CA ASP A 19 -31.22 -20.23 -11.15
C ASP A 19 -30.11 -21.23 -10.83
N VAL A 20 -29.77 -21.37 -9.54
CA VAL A 20 -28.69 -22.25 -9.14
C VAL A 20 -29.05 -23.70 -9.42
N ARG A 21 -30.32 -24.06 -9.23
CA ARG A 21 -30.76 -25.42 -9.55
C ARG A 21 -30.56 -25.72 -11.03
N LYS A 22 -31.01 -24.80 -11.90
CA LYS A 22 -30.85 -25.00 -13.33
C LYS A 22 -29.38 -25.09 -13.72
N GLN A 23 -28.57 -24.17 -13.21
CA GLN A 23 -27.15 -24.17 -13.56
C GLN A 23 -26.44 -25.41 -13.02
N GLY A 24 -26.85 -25.90 -11.86
CA GLY A 24 -26.23 -27.10 -11.32
C GLY A 24 -26.61 -28.35 -12.08
N ASP A 25 -27.86 -28.43 -12.54
CA ASP A 25 -28.25 -29.54 -13.40
C ASP A 25 -27.50 -29.50 -14.73
N LEU A 26 -27.36 -28.30 -15.31
CA LEU A 26 -26.59 -28.15 -16.53
C LEU A 26 -25.14 -28.59 -16.33
N MET A 27 -24.53 -28.17 -15.21
CA MET A 27 -23.16 -28.53 -14.94
C MET A 27 -23.00 -30.03 -14.70
N LYS A 28 -23.97 -30.64 -14.02
CA LYS A 28 -23.91 -32.08 -13.80
C LYS A 28 -24.04 -32.84 -15.12
N SER A 29 -24.90 -32.34 -16.02
CA SER A 29 -25.00 -32.95 -17.34
C SER A 29 -23.69 -32.83 -18.10
N ALA A 30 -23.07 -31.64 -18.09
CA ALA A 30 -21.82 -31.45 -18.81
C ALA A 30 -20.69 -32.28 -18.19
N ALA A 31 -20.67 -32.40 -16.86
CA ALA A 31 -19.66 -33.22 -16.21
C ALA A 31 -19.88 -34.69 -16.50
N GLY A 32 -21.14 -35.12 -16.65
CA GLY A 32 -21.40 -36.47 -17.12
C GLY A 32 -20.90 -36.69 -18.54
N GLU A 33 -21.13 -35.72 -19.42
CA GLU A 33 -20.60 -35.81 -20.78
C GLU A 33 -19.08 -35.92 -20.76
N PHE A 34 -18.42 -35.17 -19.88
CA PHE A 34 -16.96 -35.23 -19.80
C PHE A 34 -16.49 -36.57 -19.24
N ALA A 35 -17.07 -37.00 -18.12
CA ALA A 35 -16.58 -38.23 -17.48
C ALA A 35 -16.90 -39.46 -18.33
N ASP A 36 -17.94 -39.39 -19.15
CA ASP A 36 -18.24 -40.46 -20.09
C ASP A 36 -17.30 -40.46 -21.29
N ASP A 37 -16.64 -39.35 -21.57
CA ASP A 37 -15.65 -39.23 -22.64
C ASP A 37 -14.45 -38.49 -22.07
N PRO A 38 -13.69 -39.12 -21.17
CA PRO A 38 -12.72 -38.37 -20.35
C PRO A 38 -11.62 -37.67 -21.14
N SER A 39 -11.49 -37.93 -22.45
CA SER A 39 -10.44 -37.32 -23.26
C SER A 39 -11.11 -36.58 -24.43
N SER A 40 -11.60 -35.38 -24.15
CA SER A 40 -12.19 -34.53 -25.19
C SER A 40 -11.96 -33.07 -24.79
N SER A 41 -11.24 -32.33 -25.62
CA SER A 41 -10.96 -30.94 -25.31
C SER A 41 -12.23 -30.10 -25.33
N VAL A 42 -13.25 -30.54 -26.05
CA VAL A 42 -14.51 -29.80 -26.10
C VAL A 42 -15.34 -30.08 -24.86
N LYS A 43 -15.54 -31.36 -24.53
CA LYS A 43 -16.39 -31.71 -23.40
C LYS A 43 -15.77 -31.26 -22.09
N ARG A 44 -14.45 -31.33 -21.96
CA ARG A 44 -13.79 -30.78 -20.78
C ARG A 44 -13.96 -29.27 -20.71
N GLY A 45 -13.84 -28.60 -21.86
CA GLY A 45 -14.08 -27.17 -21.89
C GLY A 45 -15.50 -26.81 -21.50
N ASN A 46 -16.48 -27.59 -21.96
CA ASN A 46 -17.87 -27.33 -21.59
C ASN A 46 -18.11 -27.61 -20.11
N MET A 47 -17.45 -28.64 -19.57
CA MET A 47 -17.57 -28.90 -18.14
C MET A 47 -17.02 -27.73 -17.33
N VAL A 48 -15.87 -27.19 -17.72
CA VAL A 48 -15.31 -26.06 -17.00
C VAL A 48 -16.19 -24.83 -17.17
N ARG A 49 -16.75 -24.63 -18.36
CA ARG A 49 -17.67 -23.50 -18.56
C ARG A 49 -18.87 -23.62 -17.65
N ALA A 50 -19.47 -24.80 -17.57
CA ALA A 50 -20.63 -25.01 -16.72
C ALA A 50 -20.26 -24.84 -15.25
N ALA A 51 -19.05 -25.28 -14.87
CA ALA A 51 -18.60 -25.10 -13.49
C ALA A 51 -18.46 -23.62 -13.14
N ARG A 52 -17.92 -22.82 -14.06
CA ARG A 52 -17.77 -21.40 -13.77
C ARG A 52 -19.13 -20.69 -13.75
N ALA A 53 -20.05 -21.12 -14.60
CA ALA A 53 -21.40 -20.54 -14.60
C ALA A 53 -22.14 -20.88 -13.31
N LEU A 54 -22.08 -22.15 -12.89
CA LEU A 54 -22.67 -22.56 -11.63
C LEU A 54 -22.05 -21.81 -10.46
N LEU A 55 -20.73 -21.61 -10.49
CA LEU A 55 -20.07 -20.84 -9.43
C LEU A 55 -20.60 -19.42 -9.39
N SER A 56 -20.75 -18.78 -10.55
CA SER A 56 -21.31 -17.43 -10.57
C SER A 56 -22.71 -17.40 -9.99
N ALA A 57 -23.55 -18.37 -10.36
CA ALA A 57 -24.92 -18.41 -9.86
C ALA A 57 -24.96 -18.58 -8.34
N VAL A 58 -24.21 -19.57 -7.82
CA VAL A 58 -24.25 -19.81 -6.38
C VAL A 58 -23.55 -18.70 -5.61
N THR A 59 -22.61 -17.96 -6.22
CA THR A 59 -22.02 -16.84 -5.52
C THR A 59 -22.97 -15.64 -5.48
N ARG A 60 -23.74 -15.44 -6.55
CA ARG A 60 -24.83 -14.49 -6.49
C ARG A 60 -25.79 -14.84 -5.35
N LEU A 61 -26.19 -16.11 -5.25
CA LEU A 61 -27.07 -16.54 -4.17
C LEU A 61 -26.42 -16.30 -2.80
N LEU A 62 -25.12 -16.60 -2.69
CA LEU A 62 -24.43 -16.46 -1.42
C LEU A 62 -24.38 -15.00 -0.98
N ILE A 63 -24.11 -14.08 -1.91
CA ILE A 63 -24.04 -12.68 -1.53
C ILE A 63 -25.44 -12.13 -1.21
N LEU A 64 -26.47 -12.65 -1.89
CA LEU A 64 -27.84 -12.31 -1.50
C LEU A 64 -28.12 -12.73 -0.07
N ALA A 65 -27.73 -13.96 0.29
CA ALA A 65 -27.94 -14.45 1.64
C ALA A 65 -27.19 -13.60 2.67
N ASP A 66 -25.95 -13.20 2.33
CA ASP A 66 -25.19 -12.35 3.24
C ASP A 66 -25.85 -10.99 3.44
N MET A 67 -26.42 -10.43 2.37
CA MET A 67 -27.13 -9.16 2.51
C MET A 67 -28.39 -9.30 3.35
N ALA A 68 -29.09 -10.44 3.22
CA ALA A 68 -30.25 -10.68 4.08
C ALA A 68 -29.83 -10.77 5.55
N ASP A 69 -28.76 -11.51 5.81
CA ASP A 69 -28.13 -11.54 7.13
C ASP A 69 -27.90 -10.12 7.65
N VAL A 70 -27.29 -9.27 6.82
CA VAL A 70 -26.92 -7.93 7.24
C VAL A 70 -28.15 -7.10 7.57
N TYR A 71 -29.22 -7.21 6.77
CA TYR A 71 -30.39 -6.40 7.05
C TYR A 71 -31.09 -6.84 8.33
N LYS A 72 -31.21 -8.16 8.53
CA LYS A 72 -31.80 -8.63 9.78
C LYS A 72 -30.97 -8.20 10.98
N LEU A 73 -29.64 -8.16 10.83
CA LEU A 73 -28.81 -7.67 11.91
C LEU A 73 -29.01 -6.18 12.15
N LEU A 74 -29.18 -5.40 11.08
CA LEU A 74 -29.44 -3.97 11.25
C LEU A 74 -30.74 -3.74 12.04
N VAL A 75 -31.78 -4.50 11.71
CA VAL A 75 -33.05 -4.33 12.41
C VAL A 75 -32.93 -4.77 13.87
N GLN A 76 -32.25 -5.89 14.12
CA GLN A 76 -32.03 -6.32 15.50
C GLN A 76 -31.24 -5.28 16.29
N LEU A 77 -30.26 -4.64 15.65
CA LEU A 77 -29.48 -3.61 16.33
C LEU A 77 -30.33 -2.38 16.65
N LYS A 78 -31.20 -1.97 15.73
CA LYS A 78 -32.10 -0.87 16.02
C LYS A 78 -33.03 -1.23 17.19
N VAL A 79 -33.49 -2.47 17.22
CA VAL A 79 -34.34 -2.94 18.32
C VAL A 79 -33.59 -2.83 19.64
N VAL A 80 -32.36 -3.33 19.68
CA VAL A 80 -31.58 -3.30 20.92
C VAL A 80 -31.30 -1.85 21.34
N GLU A 81 -31.03 -0.99 20.36
CA GLU A 81 -30.76 0.42 20.66
C GLU A 81 -31.97 1.08 21.30
N ASP A 82 -33.16 0.88 20.72
CA ASP A 82 -34.36 1.49 21.28
C ASP A 82 -34.72 0.88 22.63
N GLY A 83 -34.47 -0.42 22.80
CA GLY A 83 -34.72 -1.03 24.10
C GLY A 83 -33.79 -0.51 25.18
N ILE A 84 -32.52 -0.25 24.82
CA ILE A 84 -31.60 0.37 25.77
C ILE A 84 -32.03 1.79 26.10
N LEU A 85 -32.49 2.55 25.09
CA LEU A 85 -33.05 3.86 25.36
C LEU A 85 -34.20 3.77 26.36
N LYS A 86 -35.04 2.74 26.23
CA LYS A 86 -36.12 2.53 27.21
C LYS A 86 -35.56 2.18 28.58
N LEU A 87 -34.51 1.36 28.63
CA LEU A 87 -33.95 0.94 29.91
C LEU A 87 -33.33 2.11 30.67
N ARG A 88 -32.73 3.06 29.96
CA ARG A 88 -32.14 4.21 30.65
C ARG A 88 -33.23 5.12 31.22
N ASN A 89 -34.24 5.43 30.41
CA ASN A 89 -35.29 6.37 30.78
C ASN A 89 -36.35 5.77 31.70
N ALA A 90 -36.22 4.49 32.08
CA ALA A 90 -37.18 3.89 33.00
C ALA A 90 -37.13 4.61 34.33
N GLY A 91 -38.31 4.83 34.92
CA GLY A 91 -38.41 5.54 36.18
C GLY A 91 -38.58 4.63 37.38
N ASN A 92 -39.24 3.51 37.18
CA ASN A 92 -39.50 2.55 38.25
C ASN A 92 -38.44 1.45 38.24
N GLU A 93 -38.24 0.83 39.42
CA GLU A 93 -37.50 -0.41 39.46
C GLU A 93 -38.29 -1.54 38.82
N GLN A 94 -39.62 -1.47 38.88
CA GLN A 94 -40.46 -2.43 38.17
C GLN A 94 -40.28 -2.29 36.66
N ASP A 95 -40.32 -1.06 36.16
CA ASP A 95 -40.17 -0.85 34.71
C ASP A 95 -38.74 -1.11 34.26
N LEU A 96 -37.74 -0.80 35.10
CA LEU A 96 -36.38 -1.19 34.79
C LEU A 96 -36.26 -2.71 34.67
N GLY A 97 -36.87 -3.44 35.62
CA GLY A 97 -36.86 -4.88 35.53
C GLY A 97 -37.57 -5.40 34.29
N ILE A 98 -38.67 -4.76 33.90
CA ILE A 98 -39.42 -5.21 32.72
C ILE A 98 -38.61 -4.95 31.45
N GLN A 99 -37.95 -3.79 31.36
CA GLN A 99 -37.15 -3.51 30.18
C GLN A 99 -35.93 -4.42 30.12
N TYR A 100 -35.34 -4.76 31.26
CA TYR A 100 -34.24 -5.72 31.25
C TYR A 100 -34.72 -7.11 30.86
N LYS A 101 -35.93 -7.48 31.32
CA LYS A 101 -36.52 -8.77 30.93
C LYS A 101 -36.74 -8.82 29.42
N ALA A 102 -37.19 -7.72 28.83
CA ALA A 102 -37.39 -7.67 27.39
C ALA A 102 -36.08 -7.46 26.62
N LEU A 103 -35.01 -7.06 27.30
CA LEU A 103 -33.75 -6.77 26.63
C LEU A 103 -32.82 -7.97 26.56
N LYS A 104 -32.58 -8.63 27.70
CA LYS A 104 -31.53 -9.66 27.79
C LYS A 104 -31.56 -10.67 26.65
N PRO A 105 -32.69 -11.31 26.30
CA PRO A 105 -32.65 -12.22 25.15
C PRO A 105 -32.39 -11.51 23.84
N GLU A 106 -32.95 -10.32 23.64
CA GLU A 106 -32.69 -9.58 22.40
C GLU A 106 -31.23 -9.17 22.29
N VAL A 107 -30.60 -8.81 23.41
CA VAL A 107 -29.19 -8.48 23.40
C VAL A 107 -28.34 -9.72 23.11
N ASP A 108 -28.73 -10.88 23.65
CA ASP A 108 -28.01 -12.10 23.31
C ASP A 108 -28.15 -12.43 21.83
N LYS A 109 -29.34 -12.22 21.27
CA LYS A 109 -29.57 -12.43 19.84
C LYS A 109 -28.69 -11.52 19.00
N LEU A 110 -28.65 -10.24 19.35
CA LEU A 110 -27.77 -9.30 18.66
C LEU A 110 -26.32 -9.70 18.77
N ASN A 111 -25.90 -10.20 19.94
CA ASN A 111 -24.51 -10.59 20.12
C ASN A 111 -24.15 -11.78 19.25
N ILE A 112 -25.05 -12.77 19.16
CA ILE A 112 -24.79 -13.94 18.32
C ILE A 112 -24.75 -13.54 16.85
N MET A 113 -25.69 -12.69 16.41
CA MET A 113 -25.67 -12.24 15.03
C MET A 113 -24.44 -11.43 14.71
N ALA A 114 -23.97 -10.62 15.67
CA ALA A 114 -22.76 -9.85 15.45
C ALA A 114 -21.53 -10.75 15.40
N ALA A 115 -21.53 -11.83 16.20
CA ALA A 115 -20.45 -12.82 16.08
C ALA A 115 -20.44 -13.46 14.70
N LYS A 116 -21.63 -13.81 14.18
CA LYS A 116 -21.73 -14.35 12.84
C LYS A 116 -21.16 -13.39 11.81
N ARG A 117 -21.66 -12.16 11.78
CA ARG A 117 -21.19 -11.19 10.79
C ARG A 117 -19.78 -10.69 11.07
N GLN A 118 -19.21 -11.00 12.23
CA GLN A 118 -17.79 -10.74 12.46
C GLN A 118 -16.94 -11.83 11.83
N GLN A 119 -17.30 -13.09 12.06
CA GLN A 119 -16.60 -14.18 11.40
C GLN A 119 -16.88 -14.22 9.89
N GLU A 120 -17.86 -13.46 9.42
CA GLU A 120 -18.14 -13.35 7.99
C GLU A 120 -17.72 -12.00 7.42
N LEU A 121 -16.91 -11.24 8.16
CA LEU A 121 -16.42 -9.96 7.67
C LEU A 121 -15.23 -10.18 6.74
N LYS A 122 -15.27 -9.54 5.58
CA LYS A 122 -14.19 -9.64 4.60
C LYS A 122 -12.97 -8.80 4.97
N ASP A 123 -12.91 -8.31 6.20
CA ASP A 123 -11.78 -7.52 6.69
C ASP A 123 -11.22 -8.19 7.94
N VAL A 124 -10.00 -7.79 8.31
CA VAL A 124 -9.34 -8.29 9.51
C VAL A 124 -9.35 -7.29 10.67
N GLY A 125 -9.54 -6.00 10.39
CA GLY A 125 -9.54 -4.99 11.43
C GLY A 125 -10.91 -4.64 11.96
N ASN A 126 -11.86 -4.36 11.06
CA ASN A 126 -13.23 -4.15 11.49
C ASN A 126 -13.78 -5.38 12.21
N ARG A 127 -13.25 -6.56 11.89
CA ARG A 127 -13.51 -7.75 12.69
C ARG A 127 -13.26 -7.47 14.17
N ASP A 128 -12.04 -7.03 14.50
CA ASP A 128 -11.69 -6.74 15.89
C ASP A 128 -12.51 -5.58 16.44
N GLN A 129 -12.75 -4.56 15.62
CA GLN A 129 -13.51 -3.40 16.08
C GLN A 129 -14.91 -3.83 16.55
N MET A 130 -15.62 -4.57 15.70
CA MET A 130 -16.96 -5.01 16.08
C MET A 130 -16.92 -6.05 17.18
N ALA A 131 -15.87 -6.87 17.23
CA ALA A 131 -15.73 -7.80 18.35
C ALA A 131 -15.67 -7.05 19.68
N ALA A 132 -14.81 -6.03 19.76
CA ALA A 132 -14.69 -5.25 20.98
C ALA A 132 -15.99 -4.49 21.28
N ALA A 133 -16.64 -3.96 20.24
CA ALA A 133 -17.88 -3.21 20.46
C ALA A 133 -18.98 -4.09 21.03
N ARG A 134 -19.17 -5.29 20.44
CA ARG A 134 -20.23 -6.15 20.94
C ARG A 134 -19.84 -6.80 22.26
N GLY A 135 -18.55 -6.95 22.55
CA GLY A 135 -18.16 -7.36 23.91
C GLY A 135 -18.49 -6.29 24.94
N ILE A 136 -18.26 -5.02 24.60
CA ILE A 136 -18.66 -3.92 25.48
C ILE A 136 -20.17 -3.95 25.70
N LEU A 137 -20.94 -4.07 24.62
CA LEU A 137 -22.39 -4.18 24.74
C LEU A 137 -22.79 -5.39 25.58
N GLN A 138 -22.04 -6.49 25.48
CA GLN A 138 -22.37 -7.68 26.23
C GLN A 138 -22.13 -7.49 27.72
N LYS A 139 -21.03 -6.81 28.07
CA LYS A 139 -20.64 -6.71 29.47
C LYS A 139 -21.23 -5.50 30.19
N ASN A 140 -21.70 -4.49 29.47
CA ASN A 140 -22.10 -3.25 30.12
C ASN A 140 -23.61 -3.07 30.28
N VAL A 141 -24.42 -3.79 29.52
CA VAL A 141 -25.87 -3.73 29.73
C VAL A 141 -26.26 -4.22 31.13
N PRO A 142 -25.75 -5.34 31.63
CA PRO A 142 -26.02 -5.68 33.04
C PRO A 142 -25.45 -4.67 34.02
N ILE A 143 -24.50 -3.83 33.60
CA ILE A 143 -24.00 -2.77 34.45
C ILE A 143 -24.88 -1.53 34.35
N LEU A 144 -25.43 -1.25 33.16
CA LEU A 144 -26.43 -0.19 33.05
C LEU A 144 -27.66 -0.50 33.88
N TYR A 145 -28.03 -1.78 33.98
CA TYR A 145 -29.16 -2.15 34.82
C TYR A 145 -28.96 -1.69 36.25
N THR A 146 -27.82 -2.05 36.85
CA THR A 146 -27.57 -1.66 38.24
C THR A 146 -27.32 -0.16 38.38
N ALA A 147 -26.71 0.46 37.37
CA ALA A 147 -26.51 1.91 37.44
C ALA A 147 -27.84 2.64 37.41
N SER A 148 -28.79 2.16 36.62
CA SER A 148 -30.11 2.77 36.60
C SER A 148 -30.88 2.47 37.88
N GLN A 149 -30.70 1.27 38.44
CA GLN A 149 -31.35 0.94 39.71
C GLN A 149 -30.85 1.84 40.83
N ALA A 150 -29.55 2.14 40.83
CA ALA A 150 -28.97 3.02 41.84
C ALA A 150 -29.12 4.50 41.51
N CYS A 151 -29.55 4.84 40.29
CA CYS A 151 -29.95 6.20 39.97
C CYS A 151 -31.42 6.45 40.25
N LEU A 152 -32.25 5.41 40.30
CA LEU A 152 -33.64 5.52 40.70
C LEU A 152 -33.86 5.26 42.18
N GLN A 153 -32.81 4.87 42.90
CA GLN A 153 -32.87 4.66 44.34
C GLN A 153 -32.19 5.75 45.15
N HIS A 154 -31.28 6.51 44.55
CA HIS A 154 -30.66 7.69 45.16
C HIS A 154 -30.73 8.83 44.15
N PRO A 155 -31.94 9.38 43.89
CA PRO A 155 -32.08 10.38 42.83
C PRO A 155 -31.40 11.70 43.14
N ASP A 156 -30.83 11.81 44.33
CA ASP A 156 -30.13 13.02 44.73
C ASP A 156 -28.67 13.01 44.31
N VAL A 157 -27.96 11.92 44.55
CA VAL A 157 -26.54 11.82 44.21
C VAL A 157 -26.40 11.84 42.69
N ALA A 158 -25.86 12.93 42.16
CA ALA A 158 -25.65 13.05 40.72
C ALA A 158 -24.52 12.14 40.22
N ALA A 159 -23.74 11.54 41.12
CA ALA A 159 -22.72 10.60 40.69
C ALA A 159 -23.33 9.34 40.09
N TYR A 160 -24.39 8.82 40.71
CA TYR A 160 -25.07 7.65 40.16
C TYR A 160 -25.66 7.95 38.78
N LYS A 161 -26.23 9.14 38.60
CA LYS A 161 -26.77 9.50 37.29
C LYS A 161 -25.65 9.68 36.27
N ALA A 162 -24.55 10.32 36.67
CA ALA A 162 -23.41 10.45 35.77
C ALA A 162 -22.91 9.09 35.32
N ASN A 163 -22.85 8.12 36.24
CA ASN A 163 -22.39 6.79 35.88
C ASN A 163 -23.38 6.09 34.95
N ARG A 164 -24.68 6.16 35.28
CA ARG A 164 -25.70 5.56 34.43
C ARG A 164 -25.64 6.10 33.01
N ASP A 165 -25.53 7.43 32.88
CA ASP A 165 -25.52 8.03 31.56
C ASP A 165 -24.19 7.83 30.84
N LEU A 166 -23.09 7.71 31.58
CA LEU A 166 -21.83 7.32 30.96
C LEU A 166 -21.93 5.93 30.36
N ILE A 167 -22.51 4.99 31.10
CA ILE A 167 -22.69 3.63 30.58
C ILE A 167 -23.64 3.64 29.38
N TYR A 168 -24.67 4.48 29.42
CA TYR A 168 -25.59 4.57 28.28
C TYR A 168 -24.87 5.10 27.04
N LYS A 169 -24.07 6.15 27.21
CA LYS A 169 -23.31 6.67 26.07
C LYS A 169 -22.33 5.62 25.56
N GLN A 170 -21.74 4.83 26.46
CA GLN A 170 -20.83 3.78 26.02
C GLN A 170 -21.56 2.70 25.23
N LEU A 171 -22.76 2.32 25.67
CA LEU A 171 -23.53 1.33 24.92
C LEU A 171 -24.01 1.89 23.59
N GLN A 172 -24.32 3.19 23.52
CA GLN A 172 -24.67 3.80 22.25
C GLN A 172 -23.48 3.80 21.30
N GLN A 173 -22.29 4.11 21.83
CA GLN A 173 -21.07 3.99 21.03
C GLN A 173 -20.88 2.57 20.54
N ALA A 174 -21.20 1.58 21.40
CA ALA A 174 -21.05 0.19 21.01
C ALA A 174 -21.98 -0.19 19.87
N VAL A 175 -23.24 0.24 19.93
CA VAL A 175 -24.19 -0.14 18.89
C VAL A 175 -23.89 0.61 17.59
N THR A 176 -23.51 1.89 17.68
CA THR A 176 -23.12 2.61 16.47
C THR A 176 -21.85 2.01 15.86
N GLY A 177 -20.94 1.51 16.70
CA GLY A 177 -19.76 0.85 16.18
C GLY A 177 -20.08 -0.48 15.51
N ILE A 178 -21.00 -1.25 16.09
CA ILE A 178 -21.43 -2.48 15.44
C ILE A 178 -22.06 -2.16 14.09
N SER A 179 -22.88 -1.12 14.04
CA SER A 179 -23.48 -0.71 12.76
C SER A 179 -22.39 -0.36 11.75
N ASN A 180 -21.49 0.54 12.13
CA ASN A 180 -20.46 1.02 11.20
C ASN A 180 -19.53 -0.10 10.75
N ALA A 181 -19.24 -1.05 11.64
CA ALA A 181 -18.30 -2.12 11.31
C ALA A 181 -18.95 -3.20 10.45
N ALA A 182 -20.13 -3.67 10.84
CA ALA A 182 -20.80 -4.70 10.05
C ALA A 182 -21.26 -4.16 8.70
N GLN A 183 -21.50 -2.85 8.61
CA GLN A 183 -21.94 -2.27 7.34
C GLN A 183 -20.81 -2.21 6.33
N ALA A 184 -19.90 -1.25 6.49
CA ALA A 184 -18.89 -0.94 5.48
C ALA A 184 -17.80 -2.01 5.47
N THR A 185 -18.09 -3.10 4.76
CA THR A 185 -17.07 -4.09 4.41
C THR A 185 -16.28 -3.69 3.17
N ALA A 186 -16.30 -2.41 2.83
CA ALA A 186 -15.57 -1.88 1.67
C ALA A 186 -14.14 -1.57 2.08
N SER A 187 -13.19 -2.20 1.39
CA SER A 187 -11.77 -1.99 1.69
C SER A 187 -11.06 -1.30 0.53
N GLY A 198 -1.96 -10.31 10.87
CA GLY A 198 -1.71 -10.53 12.28
C GLY A 198 -1.90 -9.28 13.14
N GLY A 199 -0.85 -8.45 13.22
CA GLY A 199 -0.90 -7.23 13.99
C GLY A 199 -0.57 -6.03 13.12
N GLU A 200 -0.81 -4.85 13.69
CA GLU A 200 -0.70 -3.59 12.94
C GLU A 200 0.66 -3.43 12.26
N LEU A 201 1.72 -3.37 13.06
CA LEU A 201 3.05 -3.09 12.53
C LEU A 201 3.75 -4.35 12.01
N ALA A 202 3.51 -5.49 12.65
CA ALA A 202 4.14 -6.73 12.21
C ALA A 202 3.70 -7.12 10.81
N TYR A 203 2.45 -6.83 10.45
CA TYR A 203 1.97 -7.16 9.11
C TYR A 203 2.74 -6.38 8.04
N ALA A 204 2.84 -5.05 8.22
CA ALA A 204 3.59 -4.24 7.28
C ALA A 204 5.07 -4.59 7.29
N LEU A 205 5.60 -5.03 8.43
CA LEU A 205 7.01 -5.41 8.50
C LEU A 205 7.27 -6.68 7.70
N ASN A 206 6.43 -7.70 7.89
CA ASN A 206 6.58 -8.93 7.14
C ASN A 206 6.32 -8.72 5.65
N ASN A 207 5.41 -7.81 5.30
CA ASN A 207 5.19 -7.56 3.88
C ASN A 207 6.30 -6.72 3.27
N PHE A 208 6.98 -5.89 4.06
CA PHE A 208 8.24 -5.29 3.62
C PHE A 208 9.25 -6.38 3.31
N ASP A 209 9.41 -7.33 4.24
CA ASP A 209 10.32 -8.45 4.00
C ASP A 209 9.88 -9.32 2.83
N LYS A 210 8.60 -9.26 2.47
CA LYS A 210 8.12 -9.97 1.28
C LYS A 210 8.40 -9.20 -0.01
N GLN A 211 8.37 -7.86 0.05
CA GLN A 211 8.53 -7.03 -1.13
C GLN A 211 9.95 -6.49 -1.30
N ILE A 212 10.92 -7.00 -0.55
CA ILE A 212 12.29 -6.48 -0.68
C ILE A 212 12.87 -6.79 -2.05
N ILE A 213 12.46 -7.91 -2.66
CA ILE A 213 12.96 -8.31 -3.96
C ILE A 213 11.80 -8.75 -4.84
N VAL A 214 11.93 -8.52 -6.15
CA VAL A 214 10.92 -8.91 -7.12
C VAL A 214 11.59 -9.54 -8.34
N ASP A 215 12.27 -8.71 -9.14
CA ASP A 215 12.82 -9.15 -10.42
C ASP A 215 14.07 -8.34 -10.76
N PRO A 216 15.23 -9.00 -10.94
CA PRO A 216 16.47 -8.24 -11.13
C PRO A 216 16.60 -7.55 -12.48
N LEU A 217 16.41 -8.28 -13.58
CA LEU A 217 16.63 -7.70 -14.91
C LEU A 217 15.60 -6.63 -15.22
N SER A 218 14.31 -6.94 -15.05
CA SER A 218 13.24 -5.98 -15.28
C SER A 218 13.00 -5.06 -14.09
N PHE A 219 14.07 -4.64 -13.41
CA PHE A 219 13.96 -3.77 -12.24
C PHE A 219 14.09 -2.31 -12.69
N SER A 220 13.07 -1.52 -12.41
CA SER A 220 13.07 -0.10 -12.72
C SER A 220 13.36 0.69 -11.45
N GLU A 221 14.18 1.73 -11.59
CA GLU A 221 14.51 2.58 -10.45
C GLU A 221 13.39 3.55 -10.08
N GLU A 222 12.44 3.78 -10.99
CA GLU A 222 11.33 4.69 -10.74
C GLU A 222 10.00 3.96 -10.64
N ARG A 223 10.03 2.64 -10.48
CA ARG A 223 8.82 1.85 -10.27
C ARG A 223 8.78 1.14 -8.92
N PHE A 224 9.88 1.13 -8.18
CA PHE A 224 9.94 0.45 -6.88
C PHE A 224 10.34 1.37 -5.75
N ARG A 225 10.99 2.50 -6.05
CA ARG A 225 11.25 3.50 -5.03
C ARG A 225 10.00 3.91 -4.25
N PRO A 226 8.84 4.15 -4.88
CA PRO A 226 7.63 4.46 -4.07
C PRO A 226 7.29 3.36 -3.09
N SER A 227 7.18 2.12 -3.57
CA SER A 227 6.82 1.00 -2.70
C SER A 227 7.78 0.88 -1.53
N LEU A 228 9.08 0.75 -1.81
CA LEU A 228 10.05 0.48 -0.75
C LEU A 228 10.19 1.67 0.19
N GLU A 229 10.29 2.89 -0.35
CA GLU A 229 10.46 4.06 0.52
C GLU A 229 9.23 4.29 1.39
N GLU A 230 8.03 4.15 0.82
CA GLU A 230 6.82 4.37 1.60
C GLU A 230 6.62 3.27 2.64
N ARG A 231 6.93 2.02 2.29
CA ARG A 231 6.88 0.95 3.27
C ARG A 231 7.87 1.22 4.41
N LEU A 232 9.09 1.65 4.07
CA LEU A 232 10.07 1.96 5.10
C LEU A 232 9.58 3.07 6.01
N GLU A 233 8.96 4.11 5.43
CA GLU A 233 8.50 5.22 6.25
C GLU A 233 7.34 4.82 7.15
N SER A 234 6.42 3.99 6.64
CA SER A 234 5.33 3.51 7.47
C SER A 234 5.85 2.64 8.61
N ILE A 235 6.83 1.78 8.32
CA ILE A 235 7.47 0.99 9.36
C ILE A 235 8.15 1.88 10.39
N ILE A 236 8.81 2.93 9.92
CA ILE A 236 9.50 3.84 10.82
C ILE A 236 8.51 4.54 11.74
N SER A 237 7.34 4.91 11.21
CA SER A 237 6.32 5.53 12.05
C SER A 237 5.77 4.54 13.07
N GLY A 238 5.47 3.31 12.62
CA GLY A 238 4.98 2.30 13.54
C GLY A 238 5.98 1.95 14.64
N ALA A 239 7.27 2.02 14.34
CA ALA A 239 8.28 1.77 15.35
C ALA A 239 8.52 2.98 16.23
N ALA A 240 8.38 4.19 15.68
CA ALA A 240 8.52 5.39 16.48
C ALA A 240 7.41 5.50 17.51
N LEU A 241 6.21 5.02 17.17
CA LEU A 241 5.15 4.97 18.17
C LEU A 241 5.59 4.20 19.41
N MET A 242 6.36 3.12 19.21
CA MET A 242 6.77 2.28 20.33
C MET A 242 8.00 2.85 21.04
N ALA A 243 8.99 3.29 20.27
CA ALA A 243 10.21 3.81 20.88
C ALA A 243 9.94 5.10 21.65
N ASP A 244 9.24 6.04 21.01
CA ASP A 244 8.95 7.33 21.63
C ASP A 244 7.61 7.27 22.37
N SER A 245 7.59 6.43 23.41
CA SER A 245 6.39 6.17 24.17
C SER A 245 6.55 6.62 25.61
N SER A 246 5.41 6.80 26.28
CA SER A 246 5.40 7.22 27.67
C SER A 246 6.17 6.27 28.57
N CYS A 247 6.13 4.97 28.27
CA CYS A 247 6.80 3.95 29.08
C CYS A 247 7.67 3.12 28.15
N THR A 248 8.86 3.63 27.85
CA THR A 248 9.89 2.89 27.12
C THR A 248 11.22 3.54 27.43
N ARG A 249 12.19 2.73 27.85
CA ARG A 249 13.45 3.24 28.38
C ARG A 249 14.18 4.11 27.37
N ASP A 250 15.03 5.00 27.90
CA ASP A 250 15.76 5.94 27.04
C ASP A 250 16.76 5.21 26.16
N ASP A 251 17.62 4.39 26.77
CA ASP A 251 18.58 3.60 26.00
C ASP A 251 17.87 2.70 24.99
N ARG A 252 16.68 2.21 25.35
CA ARG A 252 15.95 1.34 24.44
C ARG A 252 15.55 2.07 23.16
N ARG A 253 14.98 3.26 23.30
CA ARG A 253 14.58 3.99 22.11
C ARG A 253 15.77 4.59 21.36
N GLU A 254 16.88 4.85 22.05
CA GLU A 254 18.09 5.21 21.32
C GLU A 254 18.58 4.05 20.47
N ARG A 255 18.53 2.83 21.02
CA ARG A 255 18.87 1.64 20.25
C ARG A 255 17.92 1.46 19.07
N ILE A 256 16.64 1.75 19.29
CA ILE A 256 15.66 1.64 18.21
C ILE A 256 15.96 2.67 17.11
N VAL A 257 16.32 3.89 17.50
CA VAL A 257 16.66 4.92 16.51
C VAL A 257 17.91 4.51 15.73
N ALA A 258 18.89 3.94 16.42
CA ALA A 258 20.09 3.44 15.74
C ALA A 258 19.73 2.39 14.70
N GLU A 259 18.88 1.43 15.08
CA GLU A 259 18.51 0.39 14.13
C GLU A 259 17.61 0.92 13.02
N CYS A 260 16.85 1.98 13.28
CA CYS A 260 16.04 2.59 12.23
C CYS A 260 16.91 3.28 11.20
N ASN A 261 17.90 4.05 11.67
CA ASN A 261 18.86 4.65 10.75
C ASN A 261 19.62 3.58 9.97
N ALA A 262 19.95 2.47 10.63
CA ALA A 262 20.65 1.39 9.95
C ALA A 262 19.77 0.77 8.87
N VAL A 263 18.48 0.57 9.15
CA VAL A 263 17.61 -0.04 8.15
C VAL A 263 17.32 0.93 7.01
N ARG A 264 17.31 2.24 7.29
CA ARG A 264 17.18 3.23 6.23
C ARG A 264 18.40 3.25 5.32
N GLN A 265 19.60 3.26 5.93
CA GLN A 265 20.84 3.15 5.16
C GLN A 265 20.85 1.87 4.33
N ALA A 266 20.36 0.77 4.89
CA ALA A 266 20.37 -0.50 4.17
C ALA A 266 19.37 -0.48 3.02
N LEU A 267 18.23 0.18 3.20
CA LEU A 267 17.27 0.31 2.10
C LEU A 267 17.86 1.15 0.96
N GLN A 268 18.49 2.27 1.29
CA GLN A 268 19.11 3.09 0.24
C GLN A 268 20.27 2.35 -0.42
N ASP A 269 21.00 1.53 0.34
CA ASP A 269 22.07 0.74 -0.25
C ASP A 269 21.52 -0.33 -1.18
N LEU A 270 20.42 -0.99 -0.78
CA LEU A 270 19.77 -1.95 -1.66
C LEU A 270 19.23 -1.29 -2.92
N LEU A 271 18.77 -0.04 -2.81
CA LEU A 271 18.33 0.69 -3.99
C LEU A 271 19.50 0.98 -4.93
N SER A 272 20.61 1.48 -4.38
CA SER A 272 21.79 1.75 -5.19
C SER A 272 22.42 0.48 -5.76
N GLU A 273 22.16 -0.68 -5.14
CA GLU A 273 22.66 -1.93 -5.69
C GLU A 273 21.73 -2.50 -6.76
N TYR A 274 20.41 -2.31 -6.61
CA TYR A 274 19.48 -2.66 -7.67
C TYR A 274 19.55 -1.69 -8.85
N MET A 275 20.37 -0.65 -8.76
CA MET A 275 20.62 0.25 -9.88
C MET A 275 21.56 -0.35 -10.91
N GLY A 276 22.33 -1.36 -10.54
CA GLY A 276 23.29 -1.99 -11.43
C GLY A 276 22.79 -3.19 -12.20
N ASN A 277 21.49 -3.48 -12.17
CA ASN A 277 20.93 -4.59 -12.93
C ASN A 277 19.49 -4.31 -13.36
N SER A 284 22.82 -9.48 -11.43
CA SER A 284 22.19 -10.07 -10.27
C SER A 284 23.18 -10.97 -9.54
N ASP A 285 24.45 -10.56 -9.50
CA ASP A 285 25.49 -11.37 -8.91
C ASP A 285 25.91 -10.82 -7.54
N ALA A 286 26.67 -9.73 -7.53
CA ALA A 286 27.21 -9.18 -6.29
C ALA A 286 26.18 -8.43 -5.45
N LEU A 287 24.97 -8.24 -5.96
CA LEU A 287 23.94 -7.51 -5.22
C LEU A 287 23.25 -8.36 -4.16
N ASN A 288 23.57 -9.65 -4.07
CA ASN A 288 22.98 -10.48 -3.03
C ASN A 288 23.38 -10.02 -1.65
N SER A 289 24.56 -9.40 -1.51
CA SER A 289 25.03 -8.95 -0.22
C SER A 289 24.17 -7.80 0.31
N ALA A 290 23.73 -6.90 -0.58
CA ALA A 290 22.86 -5.81 -0.14
C ALA A 290 21.51 -6.34 0.33
N ILE A 291 20.99 -7.36 -0.33
CA ILE A 291 19.73 -7.97 0.11
C ILE A 291 19.90 -8.64 1.45
N ASP A 292 21.02 -9.34 1.64
CA ASP A 292 21.28 -9.98 2.94
C ASP A 292 21.40 -8.93 4.04
N LYS A 293 22.08 -7.81 3.75
CA LYS A 293 22.18 -6.75 4.74
C LYS A 293 20.82 -6.12 5.03
N MET A 294 19.96 -6.04 4.02
CA MET A 294 18.61 -5.51 4.23
C MET A 294 17.81 -6.41 5.15
N THR A 295 17.82 -7.72 4.87
CA THR A 295 17.14 -8.66 5.75
C THR A 295 17.75 -8.67 7.15
N LYS A 296 19.07 -8.50 7.24
CA LYS A 296 19.73 -8.40 8.54
C LYS A 296 19.20 -7.21 9.32
N LYS A 297 19.16 -6.03 8.69
CA LYS A 297 18.74 -4.82 9.39
C LYS A 297 17.27 -4.90 9.77
N THR A 298 16.42 -5.46 8.91
CA THR A 298 15.01 -5.55 9.28
C THR A 298 14.79 -6.56 10.40
N ARG A 299 15.54 -7.68 10.41
CA ARG A 299 15.43 -8.63 11.50
C ARG A 299 15.94 -8.03 12.80
N ASP A 300 17.02 -7.24 12.73
CA ASP A 300 17.55 -6.62 13.93
C ASP A 300 16.61 -5.56 14.48
N LEU A 301 15.93 -4.82 13.59
CA LEU A 301 14.93 -3.87 14.06
C LEU A 301 13.73 -4.58 14.67
N ARG A 302 13.32 -5.71 14.09
CA ARG A 302 12.29 -6.54 14.70
C ARG A 302 12.70 -6.97 16.11
N ARG A 303 13.95 -7.39 16.27
CA ARG A 303 14.43 -7.83 17.58
C ARG A 303 14.46 -6.67 18.57
N GLN A 304 14.86 -5.47 18.12
CA GLN A 304 14.88 -4.32 19.02
C GLN A 304 13.49 -3.90 19.43
N LEU A 305 12.50 -4.00 18.53
CA LEU A 305 11.13 -3.70 18.92
C LEU A 305 10.60 -4.72 19.91
N ARG A 306 10.88 -6.00 19.68
CA ARG A 306 10.47 -7.03 20.63
C ARG A 306 11.13 -6.81 21.99
N LYS A 307 12.40 -6.40 21.99
CA LYS A 307 13.11 -6.11 23.23
C LYS A 307 12.48 -4.91 23.94
N ALA A 308 12.02 -3.91 23.18
CA ALA A 308 11.34 -2.77 23.80
C ALA A 308 10.01 -3.18 24.42
N VAL A 309 9.24 -4.04 23.73
CA VAL A 309 7.99 -4.52 24.30
C VAL A 309 8.27 -5.28 25.58
N MET A 310 9.25 -6.19 25.57
CA MET A 310 9.61 -6.89 26.79
C MET A 310 10.15 -5.94 27.84
N ASP A 311 10.74 -4.83 27.40
CA ASP A 311 11.21 -3.79 28.32
C ASP A 311 10.06 -3.25 29.15
N HIS A 312 9.02 -2.73 28.49
CA HIS A 312 7.95 -2.13 29.29
C HIS A 312 6.91 -3.16 29.75
N VAL A 313 7.19 -4.45 29.63
CA VAL A 313 6.32 -5.45 30.25
C VAL A 313 6.69 -5.63 31.72
N SER A 314 7.93 -6.06 31.98
CA SER A 314 8.35 -6.19 33.38
C SER A 314 8.37 -4.84 34.07
N ASP A 315 8.60 -3.77 33.31
CA ASP A 315 8.76 -2.44 33.88
C ASP A 315 7.43 -1.76 34.20
N SER A 316 6.29 -2.35 33.82
CA SER A 316 4.99 -1.71 34.02
C SER A 316 3.92 -2.61 34.60
N PHE A 317 4.09 -3.91 34.61
CA PHE A 317 3.05 -4.83 35.07
C PHE A 317 3.19 -5.21 36.54
N LEU A 318 4.20 -4.68 37.24
CA LEU A 318 4.45 -5.14 38.61
C LEU A 318 3.49 -4.53 39.62
N GLU A 319 3.02 -3.30 39.37
CA GLU A 319 2.09 -2.61 40.26
C GLU A 319 0.76 -2.44 39.52
N THR A 320 -0.21 -3.27 39.87
CA THR A 320 -1.49 -3.33 39.18
C THR A 320 -2.58 -2.51 39.87
N ASN A 321 -2.74 -2.64 41.18
CA ASN A 321 -3.85 -2.03 41.89
C ASN A 321 -3.45 -0.83 42.74
N VAL A 322 -2.31 -0.21 42.45
CA VAL A 322 -1.81 0.89 43.28
C VAL A 322 -2.73 2.10 43.19
N PRO A 323 -2.90 2.74 42.03
CA PRO A 323 -3.78 3.93 42.02
C PRO A 323 -5.20 3.59 42.36
N LEU A 324 -5.67 2.38 42.02
CA LEU A 324 -6.99 1.93 42.44
C LEU A 324 -7.10 1.93 43.96
N LEU A 325 -6.08 1.39 44.64
CA LEU A 325 -6.14 1.30 46.10
C LEU A 325 -6.11 2.69 46.74
N VAL A 326 -5.20 3.55 46.27
CA VAL A 326 -5.11 4.88 46.87
C VAL A 326 -6.39 5.67 46.62
N LEU A 327 -6.96 5.57 45.40
CA LEU A 327 -8.21 6.24 45.10
C LEU A 327 -9.35 5.70 45.95
N ILE A 328 -9.39 4.38 46.17
CA ILE A 328 -10.45 3.79 46.96
C ILE A 328 -10.38 4.27 48.41
N GLU A 329 -9.17 4.36 48.96
CA GLU A 329 -9.04 4.84 50.34
C GLU A 329 -9.39 6.31 50.45
N ALA A 330 -8.88 7.15 49.53
CA ALA A 330 -9.18 8.57 49.57
C ALA A 330 -10.63 8.89 49.20
N ALA A 331 -11.36 7.95 48.60
CA ALA A 331 -12.78 8.14 48.36
C ALA A 331 -13.63 7.59 49.50
N LYS A 332 -13.16 6.54 50.19
CA LYS A 332 -13.81 6.08 51.40
C LYS A 332 -13.72 7.12 52.51
N ASN A 333 -12.61 7.84 52.57
CA ASN A 333 -12.51 8.96 53.52
C ASN A 333 -13.31 10.18 53.09
N GLY A 334 -13.58 10.33 51.80
CA GLY A 334 -14.47 11.36 51.31
C GLY A 334 -13.84 12.64 50.81
N ASN A 335 -12.53 12.66 50.64
CA ASN A 335 -11.85 13.86 50.14
C ASN A 335 -12.22 14.10 48.68
N GLU A 336 -12.42 15.38 48.33
CA GLU A 336 -12.81 15.75 46.97
C GLU A 336 -11.59 15.99 46.08
N LYS A 337 -10.72 16.91 46.48
CA LYS A 337 -9.52 17.20 45.69
C LYS A 337 -8.62 15.96 45.60
N GLU A 338 -8.47 15.23 46.70
CA GLU A 338 -7.66 14.02 46.69
C GLU A 338 -8.22 13.00 45.70
N VAL A 339 -9.53 12.77 45.75
CA VAL A 339 -10.12 11.76 44.87
C VAL A 339 -10.08 12.22 43.43
N LYS A 340 -10.10 13.53 43.17
CA LYS A 340 -10.00 14.00 41.79
C LYS A 340 -8.59 13.80 41.24
N GLU A 341 -7.58 14.16 42.04
CA GLU A 341 -6.21 13.91 41.60
C GLU A 341 -5.95 12.41 41.43
N TYR A 342 -6.55 11.59 42.29
CA TYR A 342 -6.37 10.15 42.16
C TYR A 342 -7.15 9.60 40.97
N ALA A 343 -8.26 10.23 40.60
CA ALA A 343 -8.93 9.86 39.36
C ALA A 343 -8.07 10.18 38.16
N GLN A 344 -7.37 11.32 38.19
CA GLN A 344 -6.47 11.65 37.09
C GLN A 344 -5.29 10.68 37.03
N VAL A 345 -4.74 10.29 38.17
CA VAL A 345 -3.64 9.32 38.13
C VAL A 345 -4.16 7.95 37.71
N PHE A 346 -5.40 7.61 38.06
CA PHE A 346 -6.01 6.37 37.61
C PHE A 346 -6.18 6.36 36.09
N ARG A 347 -6.61 7.48 35.53
CA ARG A 347 -6.75 7.59 34.08
C ARG A 347 -5.38 7.54 33.39
N GLU A 348 -4.38 8.20 33.97
CA GLU A 348 -3.03 8.11 33.44
C GLU A 348 -2.54 6.67 33.45
N HIS A 349 -2.85 5.92 34.50
CA HIS A 349 -2.43 4.53 34.59
C HIS A 349 -3.15 3.67 33.55
N ALA A 350 -4.45 3.85 33.40
CA ALA A 350 -5.20 3.11 32.39
C ALA A 350 -4.65 3.38 31.00
N ASN A 351 -4.32 4.65 30.70
CA ASN A 351 -3.76 4.97 29.40
C ASN A 351 -2.37 4.37 29.23
N LYS A 352 -1.55 4.40 30.30
CA LYS A 352 -0.22 3.80 30.26
C LYS A 352 -0.29 2.30 30.00
N LEU A 353 -1.38 1.66 30.43
CA LEU A 353 -1.55 0.23 30.20
C LEU A 353 -2.11 -0.07 28.81
N ILE A 354 -3.05 0.76 28.33
CA ILE A 354 -3.56 0.59 26.97
C ILE A 354 -2.46 0.80 25.95
N GLU A 355 -1.53 1.72 26.23
CA GLU A 355 -0.37 1.91 25.36
C GLU A 355 0.42 0.61 25.23
N VAL A 356 0.72 -0.03 26.35
CA VAL A 356 1.50 -1.27 26.32
C VAL A 356 0.73 -2.37 25.61
N ALA A 357 -0.59 -2.43 25.82
CA ALA A 357 -1.42 -3.40 25.12
C ALA A 357 -1.29 -3.23 23.61
N ASN A 358 -1.54 -2.02 23.12
CA ASN A 358 -1.49 -1.80 21.67
C ASN A 358 -0.08 -2.01 21.13
N LEU A 359 0.95 -1.61 21.88
CA LEU A 359 2.32 -1.77 21.41
C LEU A 359 2.68 -3.24 21.25
N ALA A 360 2.47 -4.04 22.32
CA ALA A 360 2.73 -5.46 22.22
C ALA A 360 1.85 -6.15 21.18
N CYS A 361 0.67 -5.58 20.89
CA CYS A 361 -0.15 -6.14 19.83
C CYS A 361 0.43 -5.87 18.46
N SER A 362 0.91 -4.64 18.23
CA SER A 362 1.29 -4.22 16.88
C SER A 362 2.45 -5.02 16.30
N ILE A 363 3.20 -5.75 17.12
CA ILE A 363 4.37 -6.48 16.62
C ILE A 363 4.21 -8.00 16.68
N SER A 364 3.13 -8.50 17.27
CA SER A 364 2.96 -9.95 17.40
C SER A 364 2.21 -10.52 16.21
N ASN A 365 2.59 -11.73 15.82
CA ASN A 365 1.95 -12.42 14.72
C ASN A 365 0.77 -13.28 15.16
N ASN A 366 0.63 -13.52 16.46
CA ASN A 366 -0.49 -14.30 16.98
C ASN A 366 -1.77 -13.51 16.77
N GLU A 367 -2.51 -13.84 15.72
CA GLU A 367 -3.66 -13.03 15.32
C GLU A 367 -4.78 -13.13 16.36
N GLU A 368 -5.14 -14.36 16.75
CA GLU A 368 -6.22 -14.53 17.72
C GLU A 368 -5.84 -13.98 19.08
N GLY A 369 -4.57 -14.15 19.48
CA GLY A 369 -4.11 -13.55 20.71
C GLY A 369 -4.22 -12.04 20.68
N VAL A 370 -3.89 -11.42 19.54
CA VAL A 370 -4.03 -9.98 19.39
C VAL A 370 -5.49 -9.58 19.51
N LYS A 371 -6.40 -10.36 18.89
CA LYS A 371 -7.82 -10.07 19.00
C LYS A 371 -8.28 -10.08 20.46
N LEU A 372 -7.88 -11.13 21.20
CA LEU A 372 -8.28 -11.23 22.60
C LEU A 372 -7.71 -10.09 23.42
N VAL A 373 -6.44 -9.76 23.22
CA VAL A 373 -5.82 -8.68 23.99
C VAL A 373 -6.50 -7.36 23.71
N ARG A 374 -6.78 -7.07 22.44
CA ARG A 374 -7.41 -5.79 22.10
C ARG A 374 -8.85 -5.71 22.60
N MET A 375 -9.56 -6.83 22.58
CA MET A 375 -10.91 -6.86 23.14
C MET A 375 -10.88 -6.55 24.63
N SER A 376 -10.00 -7.25 25.38
CA SER A 376 -9.89 -6.99 26.81
C SER A 376 -9.43 -5.57 27.08
N ALA A 377 -8.57 -5.02 26.21
CA ALA A 377 -8.05 -3.68 26.41
C ALA A 377 -9.14 -2.64 26.23
N SER A 378 -9.98 -2.77 25.20
CA SER A 378 -11.09 -1.84 25.04
C SER A 378 -12.11 -1.99 26.17
N GLN A 379 -12.31 -3.23 26.64
CA GLN A 379 -13.22 -3.44 27.77
C GLN A 379 -12.75 -2.70 29.01
N LEU A 380 -11.44 -2.81 29.32
CA LEU A 380 -10.90 -2.10 30.49
C LEU A 380 -10.87 -0.59 30.26
N GLU A 381 -10.61 -0.16 29.01
CA GLU A 381 -10.66 1.26 28.69
C GLU A 381 -12.04 1.84 28.97
N ALA A 382 -13.09 1.07 28.70
CA ALA A 382 -14.44 1.49 29.07
C ALA A 382 -14.69 1.37 30.57
N LEU A 383 -14.07 0.38 31.22
CA LEU A 383 -14.27 0.17 32.65
C LEU A 383 -13.65 1.26 33.51
N CYS A 384 -12.63 1.96 33.01
CA CYS A 384 -11.94 2.96 33.84
C CYS A 384 -12.87 4.07 34.34
N PRO A 385 -13.59 4.81 33.48
CA PRO A 385 -14.45 5.88 34.01
C PRO A 385 -15.59 5.37 34.89
N GLN A 386 -15.93 4.09 34.79
CA GLN A 386 -16.92 3.53 35.71
C GLN A 386 -16.37 3.50 37.14
N VAL A 387 -15.13 3.07 37.32
CA VAL A 387 -14.51 3.14 38.66
C VAL A 387 -14.30 4.58 39.07
N ILE A 388 -14.03 5.48 38.11
CA ILE A 388 -13.97 6.91 38.42
C ILE A 388 -15.28 7.37 39.06
N ASN A 389 -16.40 7.03 38.43
CA ASN A 389 -17.71 7.44 38.97
C ASN A 389 -18.07 6.68 40.24
N ALA A 390 -17.51 5.48 40.45
CA ALA A 390 -17.66 4.82 41.73
C ALA A 390 -16.98 5.62 42.84
N ALA A 391 -15.78 6.13 42.57
CA ALA A 391 -15.13 7.03 43.51
C ALA A 391 -15.93 8.29 43.72
N LEU A 392 -16.55 8.81 42.65
CA LEU A 392 -17.46 9.93 42.76
C LEU A 392 -18.59 9.62 43.74
N ALA A 393 -19.16 8.42 43.65
CA ALA A 393 -20.27 8.06 44.52
C ALA A 393 -19.83 7.81 45.96
N LEU A 394 -18.58 7.38 46.16
CA LEU A 394 -18.11 7.13 47.53
C LEU A 394 -17.70 8.42 48.23
N ALA A 395 -16.99 9.32 47.55
CA ALA A 395 -16.54 10.54 48.20
C ALA A 395 -17.69 11.48 48.51
N ALA A 396 -18.81 11.38 47.81
CA ALA A 396 -19.96 12.25 48.03
C ALA A 396 -20.91 11.72 49.09
N LYS A 397 -20.98 10.41 49.26
CA LYS A 397 -21.83 9.78 50.28
C LYS A 397 -21.10 8.57 50.85
N PRO A 398 -20.06 8.80 51.66
CA PRO A 398 -19.29 7.68 52.21
C PRO A 398 -20.11 6.81 53.15
N GLN A 399 -21.13 7.37 53.79
CA GLN A 399 -21.93 6.60 54.72
C GLN A 399 -22.99 5.77 54.01
N SER A 400 -23.42 6.19 52.82
CA SER A 400 -24.54 5.56 52.14
C SER A 400 -24.29 4.07 51.94
N LYS A 401 -25.37 3.30 52.00
CA LYS A 401 -25.27 1.85 51.96
C LYS A 401 -24.82 1.35 50.58
N LEU A 402 -25.35 1.93 49.51
CA LEU A 402 -25.08 1.43 48.17
C LEU A 402 -23.69 1.81 47.67
N ALA A 403 -23.02 2.77 48.29
CA ALA A 403 -21.69 3.16 47.84
C ALA A 403 -20.71 2.00 48.00
N GLN A 404 -20.74 1.32 49.14
CA GLN A 404 -19.82 0.22 49.38
C GLN A 404 -19.94 -0.86 48.31
N GLU A 405 -21.17 -1.29 48.02
CA GLU A 405 -21.37 -2.32 47.00
C GLU A 405 -20.97 -1.85 45.62
N ASN A 406 -21.23 -0.57 45.31
CA ASN A 406 -20.83 0.00 44.02
C ASN A 406 -19.31 -0.10 43.84
N MET A 407 -18.57 0.45 44.79
CA MET A 407 -17.11 0.41 44.71
C MET A 407 -16.60 -1.03 44.71
N ASP A 408 -17.24 -1.91 45.49
CA ASP A 408 -16.79 -3.30 45.53
C ASP A 408 -16.92 -3.96 44.17
N LEU A 409 -18.11 -3.86 43.56
CA LEU A 409 -18.32 -4.42 42.23
C LEU A 409 -17.30 -3.86 41.23
N PHE A 410 -17.10 -2.55 41.25
CA PHE A 410 -16.25 -1.96 40.21
C PHE A 410 -14.79 -2.30 40.45
N LYS A 411 -14.35 -2.42 41.70
CA LYS A 411 -12.98 -2.83 41.95
C LYS A 411 -12.78 -4.31 41.61
N GLU A 412 -13.78 -5.14 41.88
CA GLU A 412 -13.72 -6.54 41.47
C GLU A 412 -13.54 -6.64 39.96
N GLN A 413 -14.44 -6.00 39.20
CA GLN A 413 -14.34 -6.02 37.74
C GLN A 413 -13.01 -5.45 37.27
N TRP A 414 -12.50 -4.43 37.97
CA TRP A 414 -11.26 -3.79 37.57
C TRP A 414 -10.06 -4.72 37.73
N GLU A 415 -9.91 -5.31 38.91
CA GLU A 415 -8.80 -6.22 39.13
C GLU A 415 -8.91 -7.46 38.23
N LYS A 416 -10.15 -7.93 37.99
CA LYS A 416 -10.36 -9.03 37.06
C LYS A 416 -9.83 -8.67 35.68
N GLN A 417 -10.26 -7.53 35.13
CA GLN A 417 -9.84 -7.13 33.79
C GLN A 417 -8.34 -6.83 33.74
N VAL A 418 -7.78 -6.33 34.85
CA VAL A 418 -6.34 -6.08 34.90
C VAL A 418 -5.58 -7.39 34.74
N ARG A 419 -5.92 -8.40 35.54
CA ARG A 419 -5.21 -9.66 35.41
C ARG A 419 -5.54 -10.37 34.10
N VAL A 420 -6.72 -10.09 33.55
CA VAL A 420 -7.09 -10.65 32.25
C VAL A 420 -6.19 -10.11 31.15
N LEU A 421 -6.04 -8.78 31.09
CA LEU A 421 -5.14 -8.18 30.11
C LEU A 421 -3.70 -8.61 30.36
N THR A 422 -3.31 -8.75 31.63
CA THR A 422 -1.97 -9.22 31.97
C THR A 422 -1.71 -10.58 31.35
N ASP A 423 -2.56 -11.57 31.66
CA ASP A 423 -2.38 -12.92 31.15
C ASP A 423 -2.64 -13.01 29.65
N ALA A 424 -3.37 -12.06 29.08
CA ALA A 424 -3.61 -12.06 27.64
C ALA A 424 -2.37 -11.60 26.88
N VAL A 425 -1.73 -10.54 27.35
CA VAL A 425 -0.46 -10.13 26.76
C VAL A 425 0.62 -11.17 27.06
N ASP A 426 0.54 -11.84 28.21
CA ASP A 426 1.51 -12.89 28.54
C ASP A 426 1.53 -13.99 27.51
N ASP A 427 0.38 -14.28 26.88
CA ASP A 427 0.26 -15.39 25.94
C ASP A 427 0.57 -14.99 24.51
N ILE A 428 0.75 -13.69 24.23
CA ILE A 428 1.33 -13.26 22.95
C ILE A 428 2.80 -12.89 23.09
N THR A 429 3.33 -12.87 24.31
CA THR A 429 4.71 -12.53 24.57
C THR A 429 5.50 -13.79 24.90
N SER A 430 6.60 -14.00 24.20
CA SER A 430 7.47 -15.13 24.47
C SER A 430 7.99 -15.07 25.90
N ILE A 431 8.02 -16.22 26.58
CA ILE A 431 8.37 -16.22 27.99
C ILE A 431 9.87 -16.05 28.20
N ASP A 432 10.69 -16.54 27.26
CA ASP A 432 12.14 -16.49 27.45
C ASP A 432 12.65 -15.05 27.39
N ASP A 433 12.12 -14.24 26.46
CA ASP A 433 12.48 -12.83 26.44
C ASP A 433 12.05 -12.14 27.71
N PHE A 434 10.87 -12.51 28.24
CA PHE A 434 10.44 -12.00 29.53
C PHE A 434 11.45 -12.31 30.61
N LEU A 435 11.94 -13.56 30.64
CA LEU A 435 12.92 -13.95 31.66
C LEU A 435 14.21 -13.17 31.50
N ALA A 436 14.66 -12.96 30.26
CA ALA A 436 15.91 -12.22 30.05
C ALA A 436 15.78 -10.78 30.54
N VAL A 437 14.73 -10.08 30.10
CA VAL A 437 14.58 -8.68 30.51
C VAL A 437 14.31 -8.58 32.00
N SER A 438 13.61 -9.56 32.59
CA SER A 438 13.35 -9.54 34.02
C SER A 438 14.64 -9.76 34.80
N GLU A 439 15.50 -10.68 34.35
CA GLU A 439 16.77 -10.91 35.02
C GLU A 439 17.64 -9.65 34.98
N ASN A 440 17.74 -9.02 33.80
CA ASN A 440 18.56 -7.83 33.71
C ASN A 440 17.97 -6.68 34.53
N HIS A 441 16.64 -6.54 34.53
CA HIS A 441 16.00 -5.47 35.28
C HIS A 441 16.14 -5.67 36.79
N ILE A 442 16.01 -6.90 37.28
CA ILE A 442 16.16 -7.14 38.70
C ILE A 442 17.64 -7.05 39.12
N LEU A 443 18.57 -7.40 38.22
CA LEU A 443 19.97 -7.14 38.52
C LEU A 443 20.22 -5.65 38.66
N GLU A 444 19.65 -4.85 37.76
CA GLU A 444 19.76 -3.40 37.86
C GLU A 444 19.19 -2.89 39.17
N ASP A 445 17.98 -3.35 39.53
CA ASP A 445 17.33 -2.89 40.75
C ASP A 445 18.06 -3.39 42.00
N VAL A 446 18.69 -4.56 41.93
CA VAL A 446 19.44 -5.07 43.07
C VAL A 446 20.71 -4.27 43.28
N ASN A 447 21.38 -3.89 42.19
CA ASN A 447 22.52 -2.99 42.33
C ASN A 447 22.09 -1.63 42.86
N LYS A 448 20.93 -1.14 42.41
CA LYS A 448 20.37 0.09 42.96
C LYS A 448 20.16 -0.05 44.46
N CYS A 449 19.58 -1.17 44.90
CA CYS A 449 19.29 -1.38 46.31
C CYS A 449 20.57 -1.48 47.13
N VAL A 450 21.57 -2.19 46.62
CA VAL A 450 22.85 -2.30 47.31
C VAL A 450 23.50 -0.93 47.45
N ILE A 451 23.57 -0.18 46.34
CA ILE A 451 24.23 1.12 46.38
C ILE A 451 23.45 2.10 47.24
N ALA A 452 22.13 1.92 47.36
CA ALA A 452 21.34 2.78 48.23
C ALA A 452 21.49 2.38 49.69
N LEU A 453 21.79 1.10 49.96
CA LEU A 453 22.08 0.69 51.32
C LEU A 453 23.44 1.18 51.77
N GLN A 454 24.43 1.17 50.88
CA GLN A 454 25.74 1.69 51.23
C GLN A 454 25.71 3.21 51.31
N GLU A 455 24.97 3.86 50.42
CA GLU A 455 24.69 5.29 50.56
C GLU A 455 23.68 5.57 51.66
N LYS A 456 22.99 4.54 52.16
CA LYS A 456 22.03 4.66 53.25
C LYS A 456 20.89 5.61 52.87
N ASP A 457 20.06 5.11 51.96
CA ASP A 457 18.90 5.81 51.41
C ASP A 457 17.65 5.05 51.82
N VAL A 458 16.88 5.61 52.76
CA VAL A 458 15.70 4.93 53.26
C VAL A 458 14.64 4.80 52.16
N ASP A 459 14.34 5.91 51.48
CA ASP A 459 13.45 5.85 50.33
C ASP A 459 14.03 4.97 49.24
N GLY A 460 15.36 5.01 49.07
CA GLY A 460 15.99 4.16 48.09
C GLY A 460 15.76 2.68 48.35
N LEU A 461 16.03 2.24 49.58
CA LEU A 461 15.82 0.84 49.93
C LEU A 461 14.35 0.46 49.84
N ASP A 462 13.47 1.33 50.37
CA ASP A 462 12.03 1.12 50.26
C ASP A 462 11.62 0.84 48.82
N ARG A 463 11.89 1.79 47.94
CA ARG A 463 11.41 1.69 46.56
C ARG A 463 12.09 0.56 45.80
N THR A 464 13.40 0.37 46.00
CA THR A 464 14.10 -0.67 45.27
C THR A 464 13.66 -2.06 45.70
N ALA A 465 13.49 -2.28 47.01
CA ALA A 465 12.98 -3.57 47.46
C ALA A 465 11.56 -3.81 46.97
N GLY A 466 10.72 -2.76 46.99
CA GLY A 466 9.39 -2.91 46.42
C GLY A 466 9.43 -3.33 44.97
N ALA A 467 10.30 -2.70 44.18
CA ALA A 467 10.40 -3.02 42.76
C ALA A 467 10.92 -4.44 42.55
N ILE A 468 11.92 -4.84 43.31
CA ILE A 468 12.48 -6.19 43.15
C ILE A 468 11.44 -7.23 43.52
N ARG A 469 10.72 -7.03 44.63
CA ARG A 469 9.69 -7.97 45.03
C ARG A 469 8.56 -8.02 44.02
N GLY A 470 8.17 -6.87 43.47
CA GLY A 470 7.11 -6.84 42.48
C GLY A 470 7.49 -7.55 41.20
N ARG A 471 8.72 -7.34 40.72
CA ARG A 471 9.16 -8.03 39.51
C ARG A 471 9.34 -9.52 39.74
N ALA A 472 9.74 -9.92 40.96
CA ALA A 472 9.81 -11.33 41.27
C ALA A 472 8.42 -11.96 41.30
N ALA A 473 7.43 -11.25 41.83
CA ALA A 473 6.05 -11.75 41.78
C ALA A 473 5.54 -11.81 40.36
N ARG A 474 5.91 -10.83 39.53
CA ARG A 474 5.60 -10.86 38.11
C ARG A 474 6.15 -12.12 37.46
N VAL A 475 7.42 -12.45 37.75
CA VAL A 475 8.03 -13.66 37.24
C VAL A 475 7.29 -14.89 37.72
N ILE A 476 6.92 -14.92 39.00
CA ILE A 476 6.20 -16.05 39.56
C ILE A 476 4.89 -16.26 38.83
N HIS A 477 4.16 -15.18 38.58
CA HIS A 477 2.86 -15.31 37.93
C HIS A 477 3.01 -15.76 36.48
N VAL A 478 4.01 -15.24 35.77
CA VAL A 478 4.15 -15.62 34.36
C VAL A 478 4.60 -17.09 34.25
N VAL A 479 5.48 -17.54 35.14
CA VAL A 479 5.93 -18.92 35.05
C VAL A 479 4.84 -19.87 35.52
N THR A 480 4.00 -19.44 36.46
CA THR A 480 2.85 -20.26 36.85
C THR A 480 1.86 -20.37 35.69
N SER A 481 1.52 -19.24 35.07
CA SER A 481 0.57 -19.26 33.96
C SER A 481 1.15 -19.92 32.71
N GLU A 482 2.47 -20.08 32.64
CA GLU A 482 3.09 -20.75 31.50
C GLU A 482 3.30 -22.24 31.71
N MET A 483 3.62 -22.68 32.93
CA MET A 483 3.83 -24.10 33.18
C MET A 483 2.54 -24.90 33.21
N ASP A 484 1.38 -24.24 33.14
CA ASP A 484 0.11 -24.96 33.00
C ASP A 484 -0.18 -25.34 31.56
N ASN A 485 0.46 -24.68 30.60
CA ASN A 485 0.32 -25.06 29.19
C ASN A 485 1.04 -26.37 28.88
N TYR A 486 1.92 -26.84 29.76
CA TYR A 486 2.55 -28.13 29.62
C TYR A 486 1.86 -29.15 30.53
N GLU A 487 2.34 -30.39 30.50
CA GLU A 487 1.79 -31.45 31.32
C GLU A 487 2.87 -31.99 32.25
N PRO A 488 2.56 -32.19 33.54
CA PRO A 488 3.61 -32.51 34.53
C PRO A 488 4.54 -33.66 34.15
N GLY A 489 5.83 -33.36 34.12
CA GLY A 489 6.88 -34.33 33.89
C GLY A 489 8.15 -33.91 34.58
N VAL A 490 9.30 -34.42 34.14
CA VAL A 490 10.56 -33.99 34.72
C VAL A 490 10.84 -32.53 34.39
N TYR A 491 10.58 -32.13 33.14
CA TYR A 491 10.77 -30.73 32.76
C TYR A 491 9.83 -29.81 33.53
N THR A 492 8.63 -30.28 33.85
CA THR A 492 7.69 -29.46 34.62
C THR A 492 8.17 -29.27 36.04
N GLU A 493 8.39 -30.38 36.76
CA GLU A 493 8.77 -30.31 38.16
C GLU A 493 10.13 -29.63 38.35
N LYS A 494 11.04 -29.79 37.37
CA LYS A 494 12.37 -29.20 37.51
C LYS A 494 12.32 -27.68 37.63
N VAL A 495 11.35 -27.04 36.97
CA VAL A 495 11.26 -25.59 37.00
C VAL A 495 10.23 -25.17 38.06
N LEU A 496 9.24 -26.03 38.33
CA LEU A 496 8.30 -25.74 39.41
C LEU A 496 9.03 -25.69 40.75
N GLU A 497 10.02 -26.57 40.93
CA GLU A 497 10.81 -26.54 42.15
C GLU A 497 11.60 -25.26 42.27
N ALA A 498 12.20 -24.80 41.16
CA ALA A 498 12.96 -23.55 41.20
C ALA A 498 12.06 -22.36 41.52
N THR A 499 10.85 -22.34 40.95
CA THR A 499 9.95 -21.23 41.22
C THR A 499 9.44 -21.25 42.66
N LYS A 500 9.03 -22.42 43.15
CA LYS A 500 8.61 -22.55 44.54
C LYS A 500 9.74 -22.18 45.48
N LEU A 501 10.97 -22.61 45.16
CA LEU A 501 12.12 -22.28 45.97
C LEU A 501 12.35 -20.78 46.03
N LEU A 502 12.34 -20.13 44.86
CA LEU A 502 12.43 -18.67 44.80
C LEU A 502 11.41 -18.03 45.73
N SER A 503 10.12 -18.32 45.48
CA SER A 503 9.05 -17.65 46.20
C SER A 503 9.14 -17.89 47.70
N ASN A 504 9.23 -19.15 48.13
CA ASN A 504 9.16 -19.50 49.54
C ASN A 504 10.54 -19.61 50.20
N THR A 505 11.58 -19.07 49.59
CA THR A 505 12.87 -19.03 50.26
C THR A 505 13.51 -17.65 50.16
N VAL A 506 13.71 -17.15 48.93
CA VAL A 506 14.53 -15.97 48.78
C VAL A 506 13.75 -14.71 49.14
N MET A 507 12.51 -14.60 48.69
CA MET A 507 11.69 -13.45 49.05
C MET A 507 11.51 -13.30 50.56
N PRO A 508 11.30 -14.37 51.34
CA PRO A 508 11.39 -14.21 52.80
C PRO A 508 12.75 -13.68 53.24
N ARG A 509 13.83 -14.33 52.83
CA ARG A 509 15.17 -13.93 53.27
C ARG A 509 15.61 -12.59 52.70
N PHE A 510 14.88 -12.02 51.74
CA PHE A 510 15.18 -10.70 51.21
C PHE A 510 14.34 -9.60 51.84
N THR A 511 13.02 -9.84 51.95
CA THR A 511 12.17 -8.87 52.64
C THR A 511 12.59 -8.73 54.09
N GLU A 512 12.99 -9.84 54.73
CA GLU A 512 13.49 -9.79 56.10
C GLU A 512 14.71 -8.87 56.20
N GLN A 513 15.69 -9.07 55.32
CA GLN A 513 16.91 -8.28 55.37
C GLN A 513 16.63 -6.80 55.12
N VAL A 514 15.79 -6.50 54.12
CA VAL A 514 15.57 -5.09 53.79
C VAL A 514 14.75 -4.40 54.88
N GLU A 515 13.82 -5.12 55.52
CA GLU A 515 13.08 -4.51 56.60
C GLU A 515 13.93 -4.36 57.86
N ALA A 516 14.84 -5.30 58.10
CA ALA A 516 15.81 -5.12 59.17
C ALA A 516 16.69 -3.90 58.89
N ALA A 517 17.03 -3.67 57.62
CA ALA A 517 17.78 -2.47 57.26
C ALA A 517 16.99 -1.21 57.59
N VAL A 518 15.76 -1.12 57.06
CA VAL A 518 14.96 0.08 57.27
C VAL A 518 14.58 0.26 58.74
N GLU A 519 14.69 -0.80 59.55
CA GLU A 519 14.45 -0.65 60.97
C GLU A 519 15.68 -0.12 61.69
N ALA A 520 16.81 -0.84 61.58
CA ALA A 520 18.02 -0.46 62.30
C ALA A 520 18.62 0.84 61.77
N LEU A 521 18.44 1.13 60.48
CA LEU A 521 19.00 2.35 59.92
C LEU A 521 18.12 3.55 60.18
N SER A 522 16.81 3.40 60.00
CA SER A 522 15.90 4.52 60.23
C SER A 522 15.49 4.58 61.70
N SER A 523 16.42 4.24 62.58
CA SER A 523 16.20 4.36 64.02
C SER A 523 17.45 5.03 64.60
N ASP A 524 17.60 4.94 65.92
CA ASP A 524 18.67 5.60 66.65
C ASP A 524 20.02 4.89 66.52
N PRO A 525 20.11 3.56 66.73
CA PRO A 525 21.43 2.93 66.74
C PRO A 525 22.20 3.07 65.43
N ALA A 526 21.50 3.10 64.29
CA ALA A 526 22.14 3.17 62.98
C ALA A 526 23.20 2.07 62.83
N GLN A 527 22.87 0.90 63.34
CA GLN A 527 23.84 -0.20 63.37
C GLN A 527 24.08 -0.74 61.97
N PRO A 528 25.29 -1.17 61.65
CA PRO A 528 25.52 -1.90 60.39
C PRO A 528 24.64 -3.12 60.31
N MET A 529 23.61 -3.06 59.46
CA MET A 529 22.56 -4.06 59.43
C MET A 529 23.01 -5.37 58.77
N ASP A 530 24.14 -5.90 59.21
CA ASP A 530 24.69 -7.16 58.70
C ASP A 530 24.71 -7.15 57.17
N GLU A 531 25.50 -6.21 56.63
CA GLU A 531 25.47 -5.95 55.19
C GLU A 531 25.85 -7.17 54.38
N ASN A 532 26.66 -8.07 54.93
CA ASN A 532 27.05 -9.27 54.20
C ASN A 532 25.85 -10.17 53.96
N GLU A 533 24.97 -10.33 54.97
CA GLU A 533 23.77 -11.12 54.78
C GLU A 533 22.78 -10.44 53.84
N PHE A 534 22.74 -9.10 53.84
CA PHE A 534 21.90 -8.37 52.90
C PHE A 534 22.34 -8.63 51.45
N ILE A 535 23.63 -8.48 51.18
CA ILE A 535 24.17 -8.79 49.86
C ILE A 535 23.97 -10.26 49.52
N ASP A 536 24.04 -11.14 50.53
CA ASP A 536 23.77 -12.56 50.30
C ASP A 536 22.35 -12.76 49.79
N ALA A 537 21.38 -12.11 50.43
CA ALA A 537 19.98 -12.24 49.99
C ALA A 537 19.75 -11.62 48.62
N SER A 538 20.45 -10.52 48.33
CA SER A 538 20.28 -9.87 47.02
C SER A 538 20.85 -10.73 45.89
N ARG A 539 22.09 -11.21 46.05
CA ARG A 539 22.62 -12.16 45.09
C ARG A 539 21.78 -13.43 45.05
N LEU A 540 21.13 -13.78 46.15
CA LEU A 540 20.22 -14.92 46.17
C LEU A 540 19.04 -14.69 45.22
N VAL A 541 18.42 -13.52 45.28
CA VAL A 541 17.27 -13.28 44.40
C VAL A 541 17.71 -13.22 42.94
N TYR A 542 18.86 -12.60 42.67
CA TYR A 542 19.36 -12.59 41.30
C TYR A 542 19.61 -14.01 40.81
N ASP A 543 20.34 -14.81 41.58
CA ASP A 543 20.69 -16.16 41.18
C ASP A 543 19.46 -17.06 41.13
N GLY A 544 18.43 -16.76 41.91
CA GLY A 544 17.21 -17.55 41.85
C GLY A 544 16.42 -17.29 40.57
N ILE A 545 16.30 -16.01 40.17
CA ILE A 545 15.67 -15.72 38.90
C ILE A 545 16.47 -16.32 37.75
N ARG A 546 17.80 -16.12 37.78
CA ARG A 546 18.68 -16.73 36.80
C ARG A 546 18.55 -18.25 36.78
N ASP A 547 18.32 -18.86 37.94
CA ASP A 547 18.23 -20.32 38.02
C ASP A 547 16.92 -20.82 37.43
N ILE A 548 15.82 -20.15 37.74
CA ILE A 548 14.55 -20.47 37.11
C ILE A 548 14.69 -20.36 35.60
N ARG A 549 15.37 -19.31 35.14
CA ARG A 549 15.62 -19.15 33.72
C ARG A 549 16.36 -20.35 33.16
N LYS A 550 17.54 -20.65 33.71
CA LYS A 550 18.35 -21.77 33.22
C LYS A 550 17.57 -23.08 33.21
N ALA A 551 16.69 -23.26 34.20
CA ALA A 551 15.93 -24.52 34.29
C ALA A 551 14.88 -24.61 33.20
N VAL A 552 14.05 -23.56 33.04
CA VAL A 552 12.97 -23.61 32.08
C VAL A 552 13.45 -23.49 30.64
N LEU A 553 14.71 -23.13 30.43
CA LEU A 553 15.26 -22.99 29.08
C LEU A 553 15.82 -24.30 28.52
N MET A 554 15.43 -25.43 29.07
CA MET A 554 15.94 -26.72 28.61
C MET A 554 14.91 -27.43 27.73
N ILE A 555 14.49 -26.73 26.68
CA ILE A 555 13.55 -27.28 25.71
C ILE A 555 14.28 -27.61 24.41
N ARG A 556 14.75 -26.58 23.70
CA ARG A 556 15.45 -26.77 22.44
C ARG A 556 16.51 -25.69 22.31
N THR A 557 17.50 -25.97 21.47
CA THR A 557 18.59 -25.02 21.22
C THR A 557 18.34 -24.20 19.96
N PRO A 558 17.94 -24.80 18.82
CA PRO A 558 17.68 -23.93 17.69
C PRO A 558 16.37 -23.15 17.83
N SER B 6 0.56 -33.84 -17.43
CA SER B 6 -0.82 -33.39 -17.36
C SER B 6 -1.77 -34.54 -17.02
N GLN B 7 -1.20 -35.61 -16.46
CA GLN B 7 -1.97 -36.80 -16.13
C GLN B 7 -2.47 -36.79 -14.68
N PHE B 8 -1.57 -36.53 -13.74
CA PHE B 8 -1.96 -36.39 -12.34
C PHE B 8 -3.02 -35.31 -12.19
N LEU B 9 -2.87 -34.21 -12.92
CA LEU B 9 -3.88 -33.16 -12.94
C LEU B 9 -5.23 -33.71 -13.40
N LYS B 10 -5.22 -34.52 -14.46
CA LYS B 10 -6.46 -35.06 -14.99
C LYS B 10 -7.16 -35.97 -13.99
N GLU B 11 -6.39 -36.87 -13.36
CA GLU B 11 -6.98 -37.78 -12.37
C GLU B 11 -7.57 -37.01 -11.19
N GLU B 12 -6.80 -36.07 -10.64
CA GLU B 12 -7.30 -35.30 -9.51
C GLU B 12 -8.46 -34.39 -9.92
N LEU B 13 -8.54 -34.00 -11.20
CA LEU B 13 -9.66 -33.19 -11.66
C LEU B 13 -10.93 -34.04 -11.76
N VAL B 14 -10.81 -35.30 -12.19
CA VAL B 14 -11.97 -36.18 -12.16
C VAL B 14 -12.42 -36.42 -10.72
N VAL B 15 -11.45 -36.53 -9.81
CA VAL B 15 -11.78 -36.59 -8.37
C VAL B 15 -12.60 -35.38 -7.95
N ALA B 16 -12.11 -34.18 -8.28
CA ALA B 16 -12.80 -32.95 -7.90
C ALA B 16 -14.17 -32.84 -8.55
N VAL B 17 -14.33 -33.34 -9.79
CA VAL B 17 -15.62 -33.22 -10.45
C VAL B 17 -16.62 -34.19 -9.85
N GLU B 18 -16.17 -35.37 -9.38
CA GLU B 18 -17.07 -36.23 -8.63
C GLU B 18 -17.48 -35.59 -7.31
N ASP B 19 -16.52 -34.95 -6.63
CA ASP B 19 -16.84 -34.14 -5.46
C ASP B 19 -17.93 -33.11 -5.77
N VAL B 20 -17.78 -32.42 -6.89
CA VAL B 20 -18.71 -31.34 -7.26
C VAL B 20 -20.08 -31.91 -7.59
N ARG B 21 -20.14 -33.08 -8.22
CA ARG B 21 -21.43 -33.67 -8.53
C ARG B 21 -22.15 -34.14 -7.28
N LYS B 22 -21.41 -34.71 -6.32
CA LYS B 22 -22.02 -35.08 -5.04
C LYS B 22 -22.56 -33.83 -4.32
N GLN B 23 -21.76 -32.76 -4.29
CA GLN B 23 -22.21 -31.52 -3.68
C GLN B 23 -23.42 -30.93 -4.40
N GLY B 24 -23.48 -31.10 -5.73
CA GLY B 24 -24.62 -30.61 -6.47
C GLY B 24 -25.88 -31.39 -6.15
N ASP B 25 -25.76 -32.70 -5.94
CA ASP B 25 -26.90 -33.49 -5.50
C ASP B 25 -27.38 -33.03 -4.12
N LEU B 26 -26.44 -32.85 -3.19
CA LEU B 26 -26.80 -32.33 -1.86
C LEU B 26 -27.49 -30.98 -1.95
N MET B 27 -26.95 -30.07 -2.77
CA MET B 27 -27.51 -28.74 -2.91
C MET B 27 -28.90 -28.78 -3.53
N LYS B 28 -29.11 -29.63 -4.53
CA LYS B 28 -30.43 -29.76 -5.13
C LYS B 28 -31.44 -30.26 -4.11
N SER B 29 -31.06 -31.25 -3.30
CA SER B 29 -31.97 -31.75 -2.26
C SER B 29 -32.32 -30.65 -1.27
N ALA B 30 -31.31 -29.94 -0.76
CA ALA B 30 -31.57 -28.90 0.23
C ALA B 30 -32.40 -27.76 -0.36
N ALA B 31 -32.17 -27.42 -1.64
CA ALA B 31 -32.92 -26.34 -2.27
C ALA B 31 -34.38 -26.74 -2.48
N GLY B 32 -34.61 -27.99 -2.91
CA GLY B 32 -35.97 -28.48 -3.01
C GLY B 32 -36.66 -28.52 -1.66
N GLU B 33 -35.89 -28.75 -0.59
CA GLU B 33 -36.49 -28.74 0.74
C GLU B 33 -36.84 -27.33 1.20
N PHE B 34 -36.01 -26.33 0.85
CA PHE B 34 -36.36 -24.96 1.21
C PHE B 34 -37.50 -24.43 0.36
N ALA B 35 -37.54 -24.81 -0.92
CA ALA B 35 -38.57 -24.30 -1.81
C ALA B 35 -39.99 -24.57 -1.29
N ASP B 36 -40.16 -25.53 -0.38
CA ASP B 36 -41.49 -25.78 0.16
C ASP B 36 -41.79 -24.83 1.32
N ASP B 37 -40.79 -24.51 2.14
CA ASP B 37 -40.94 -23.65 3.30
C ASP B 37 -40.19 -22.35 3.06
N PRO B 38 -40.83 -21.30 2.56
CA PRO B 38 -40.12 -20.01 2.42
C PRO B 38 -40.02 -19.30 3.76
N SER B 39 -40.45 -19.99 4.82
CA SER B 39 -40.47 -19.46 6.17
C SER B 39 -39.55 -20.19 7.14
N SER B 40 -39.22 -21.45 6.89
CA SER B 40 -38.39 -22.23 7.80
C SER B 40 -36.97 -21.67 7.82
N SER B 41 -36.56 -21.15 8.98
CA SER B 41 -35.18 -20.68 9.14
C SER B 41 -34.19 -21.81 9.28
N VAL B 42 -34.64 -23.06 9.20
CA VAL B 42 -33.76 -24.23 9.24
C VAL B 42 -33.51 -24.77 7.83
N LYS B 43 -34.59 -24.93 7.05
CA LYS B 43 -34.43 -25.29 5.65
C LYS B 43 -33.56 -24.27 4.93
N ARG B 44 -33.76 -22.99 5.24
CA ARG B 44 -32.91 -21.93 4.71
C ARG B 44 -31.47 -22.10 5.18
N GLY B 45 -31.29 -22.47 6.45
CA GLY B 45 -29.95 -22.68 6.98
C GLY B 45 -29.25 -23.85 6.30
N ASN B 46 -29.96 -24.96 6.09
CA ASN B 46 -29.38 -26.09 5.39
C ASN B 46 -29.08 -25.76 3.93
N MET B 47 -29.95 -24.97 3.29
CA MET B 47 -29.68 -24.53 1.94
C MET B 47 -28.38 -23.74 1.86
N VAL B 48 -28.20 -22.76 2.74
CA VAL B 48 -26.99 -21.94 2.68
C VAL B 48 -25.77 -22.78 3.06
N ARG B 49 -25.93 -23.71 4.00
CA ARG B 49 -24.82 -24.56 4.41
C ARG B 49 -24.39 -25.50 3.28
N ALA B 50 -25.34 -25.93 2.43
CA ALA B 50 -24.98 -26.71 1.26
C ALA B 50 -24.39 -25.82 0.15
N ALA B 51 -24.89 -24.60 0.03
CA ALA B 51 -24.37 -23.67 -0.97
C ALA B 51 -22.90 -23.37 -0.73
N ARG B 52 -22.52 -23.14 0.53
CA ARG B 52 -21.13 -22.83 0.83
C ARG B 52 -20.21 -23.99 0.47
N ALA B 53 -20.61 -25.22 0.81
CA ALA B 53 -19.76 -26.37 0.55
C ALA B 53 -19.67 -26.69 -0.94
N LEU B 54 -20.79 -26.58 -1.66
CA LEU B 54 -20.76 -26.79 -3.10
C LEU B 54 -19.94 -25.73 -3.81
N LEU B 55 -20.03 -24.48 -3.35
CA LEU B 55 -19.17 -23.42 -3.86
C LEU B 55 -17.71 -23.74 -3.61
N SER B 56 -17.39 -24.28 -2.43
CA SER B 56 -16.00 -24.67 -2.16
C SER B 56 -15.52 -25.77 -3.10
N ALA B 57 -16.39 -26.76 -3.36
CA ALA B 57 -16.00 -27.85 -4.26
C ALA B 57 -15.80 -27.36 -5.70
N VAL B 58 -16.72 -26.53 -6.18
CA VAL B 58 -16.58 -25.95 -7.51
C VAL B 58 -15.32 -25.11 -7.59
N THR B 59 -14.99 -24.38 -6.52
CA THR B 59 -13.75 -23.60 -6.50
C THR B 59 -12.52 -24.50 -6.57
N ARG B 60 -12.53 -25.62 -5.83
CA ARG B 60 -11.43 -26.58 -5.94
C ARG B 60 -11.25 -27.05 -7.38
N LEU B 61 -12.35 -27.46 -8.02
CA LEU B 61 -12.30 -27.93 -9.41
C LEU B 61 -11.74 -26.86 -10.35
N LEU B 62 -12.23 -25.62 -10.20
CA LEU B 62 -11.82 -24.57 -11.14
C LEU B 62 -10.38 -24.13 -10.91
N ILE B 63 -9.88 -24.22 -9.67
CA ILE B 63 -8.47 -23.92 -9.46
C ILE B 63 -7.59 -25.06 -9.95
N LEU B 64 -8.10 -26.30 -9.91
CA LEU B 64 -7.41 -27.39 -10.61
C LEU B 64 -7.32 -27.09 -12.11
N ALA B 65 -8.40 -26.60 -12.71
CA ALA B 65 -8.36 -26.25 -14.12
C ALA B 65 -7.38 -25.11 -14.38
N ASP B 66 -7.29 -24.14 -13.47
CA ASP B 66 -6.29 -23.08 -13.59
C ASP B 66 -4.88 -23.64 -13.62
N MET B 67 -4.57 -24.53 -12.66
CA MET B 67 -3.25 -25.16 -12.64
C MET B 67 -3.00 -25.96 -13.90
N ALA B 68 -4.03 -26.60 -14.45
CA ALA B 68 -3.88 -27.34 -15.69
C ALA B 68 -3.53 -26.42 -16.86
N ASP B 69 -4.20 -25.27 -16.94
CA ASP B 69 -3.90 -24.33 -18.00
C ASP B 69 -2.49 -23.77 -17.87
N VAL B 70 -2.05 -23.51 -16.63
CA VAL B 70 -0.67 -23.05 -16.42
C VAL B 70 0.33 -24.14 -16.83
N TYR B 71 0.00 -25.40 -16.52
CA TYR B 71 0.84 -26.52 -16.93
C TYR B 71 0.99 -26.58 -18.45
N LYS B 72 -0.13 -26.42 -19.16
CA LYS B 72 -0.07 -26.42 -20.63
C LYS B 72 0.73 -25.23 -21.15
N LEU B 73 0.56 -24.07 -20.52
CA LEU B 73 1.23 -22.87 -21.02
C LEU B 73 2.73 -22.94 -20.82
N LEU B 74 3.20 -23.57 -19.73
CA LEU B 74 4.64 -23.70 -19.54
C LEU B 74 5.29 -24.48 -20.68
N VAL B 75 4.69 -25.61 -21.06
CA VAL B 75 5.29 -26.42 -22.12
C VAL B 75 5.10 -25.76 -23.48
N GLN B 76 3.99 -25.04 -23.70
CA GLN B 76 3.86 -24.28 -24.94
C GLN B 76 4.94 -23.21 -25.05
N LEU B 77 5.26 -22.57 -23.92
CA LEU B 77 6.31 -21.55 -23.92
C LEU B 77 7.67 -22.16 -24.18
N LYS B 78 7.95 -23.33 -23.59
CA LYS B 78 9.21 -24.01 -23.90
C LYS B 78 9.28 -24.42 -25.36
N VAL B 79 8.14 -24.83 -25.94
CA VAL B 79 8.09 -25.20 -27.36
C VAL B 79 8.45 -23.99 -28.23
N VAL B 80 7.80 -22.85 -27.98
CA VAL B 80 8.10 -21.67 -28.78
C VAL B 80 9.51 -21.14 -28.49
N GLU B 81 10.04 -21.41 -27.29
CA GLU B 81 11.43 -21.09 -26.99
C GLU B 81 12.37 -21.89 -27.90
N ASP B 82 12.16 -23.20 -28.00
CA ASP B 82 12.94 -24.01 -28.93
C ASP B 82 12.76 -23.55 -30.36
N GLY B 83 11.54 -23.18 -30.74
CA GLY B 83 11.30 -22.72 -32.10
C GLY B 83 12.04 -21.43 -32.42
N ILE B 84 12.10 -20.50 -31.46
CA ILE B 84 12.87 -19.27 -31.66
C ILE B 84 14.35 -19.58 -31.78
N LEU B 85 14.85 -20.45 -30.91
CA LEU B 85 16.26 -20.82 -30.97
C LEU B 85 16.61 -21.45 -32.32
N LYS B 86 15.68 -22.24 -32.88
CA LYS B 86 15.93 -22.87 -34.17
C LYS B 86 15.84 -21.87 -35.31
N LEU B 87 14.86 -20.97 -35.28
CA LEU B 87 14.73 -19.97 -36.34
C LEU B 87 15.90 -19.01 -36.33
N ARG B 88 16.54 -18.81 -35.18
CA ARG B 88 17.75 -18.00 -35.15
C ARG B 88 18.93 -18.76 -35.76
N ASN B 89 19.09 -20.02 -35.37
CA ASN B 89 20.20 -20.83 -35.86
C ASN B 89 19.90 -21.39 -37.25
N ALA B 90 19.44 -20.54 -38.15
CA ALA B 90 19.09 -20.95 -39.50
C ALA B 90 20.34 -21.03 -40.36
N GLY B 91 20.37 -22.03 -41.25
CA GLY B 91 21.49 -22.21 -42.16
C GLY B 91 21.34 -21.42 -43.44
N ASN B 92 20.36 -21.78 -44.25
CA ASN B 92 20.05 -21.08 -45.50
C ASN B 92 18.61 -20.59 -45.46
N GLU B 93 18.22 -19.86 -46.51
CA GLU B 93 16.84 -19.36 -46.62
C GLU B 93 15.83 -20.45 -46.91
N GLN B 94 16.24 -21.72 -46.94
CA GLN B 94 15.31 -22.83 -47.06
C GLN B 94 14.93 -23.38 -45.69
N ASP B 95 15.92 -23.60 -44.82
CA ASP B 95 15.62 -24.02 -43.45
C ASP B 95 14.89 -22.92 -42.70
N LEU B 96 15.29 -21.67 -42.93
CA LEU B 96 14.63 -20.54 -42.28
C LEU B 96 13.18 -20.41 -42.73
N GLY B 97 12.95 -20.51 -44.05
CA GLY B 97 11.59 -20.45 -44.58
C GLY B 97 10.70 -21.59 -44.14
N ILE B 98 11.26 -22.65 -43.56
CA ILE B 98 10.49 -23.74 -43.01
C ILE B 98 10.27 -23.57 -41.52
N GLN B 99 11.30 -23.11 -40.79
CA GLN B 99 11.15 -22.84 -39.37
C GLN B 99 10.03 -21.85 -39.10
N TYR B 100 9.75 -20.95 -40.03
CA TYR B 100 8.68 -19.99 -39.85
C TYR B 100 7.31 -20.62 -40.13
N LYS B 101 7.23 -21.53 -41.11
CA LYS B 101 5.97 -22.18 -41.43
C LYS B 101 5.55 -23.20 -40.39
N ALA B 102 6.35 -23.40 -39.34
CA ALA B 102 5.97 -24.28 -38.24
C ALA B 102 6.09 -23.60 -36.88
N LEU B 103 6.54 -22.34 -36.84
CA LEU B 103 6.62 -21.61 -35.60
C LEU B 103 5.39 -20.71 -35.38
N LYS B 104 4.90 -20.09 -36.45
CA LYS B 104 3.69 -19.27 -36.36
C LYS B 104 2.50 -19.98 -35.74
N PRO B 105 2.18 -21.25 -36.06
CA PRO B 105 1.10 -21.92 -35.33
C PRO B 105 1.33 -21.98 -33.84
N GLU B 106 2.51 -22.42 -33.41
CA GLU B 106 2.78 -22.51 -31.97
C GLU B 106 2.86 -21.13 -31.33
N VAL B 107 3.38 -20.14 -32.07
CA VAL B 107 3.39 -18.76 -31.55
C VAL B 107 1.97 -18.26 -31.31
N ASP B 108 1.05 -18.54 -32.24
CA ASP B 108 -0.31 -18.07 -32.07
C ASP B 108 -1.01 -18.81 -30.93
N LYS B 109 -0.82 -20.13 -30.84
CA LYS B 109 -1.39 -20.88 -29.72
C LYS B 109 -0.86 -20.34 -28.39
N LEU B 110 0.44 -20.04 -28.33
CA LEU B 110 1.02 -19.48 -27.12
C LEU B 110 0.43 -18.12 -26.80
N ASN B 111 0.24 -17.28 -27.82
CA ASN B 111 -0.30 -15.94 -27.59
C ASN B 111 -1.72 -16.01 -27.05
N ILE B 112 -2.54 -16.92 -27.59
CA ILE B 112 -3.92 -17.04 -27.13
C ILE B 112 -3.96 -17.60 -25.71
N MET B 113 -3.18 -18.64 -25.44
CA MET B 113 -3.15 -19.20 -24.09
C MET B 113 -2.63 -18.19 -23.08
N ALA B 114 -1.67 -17.36 -23.48
CA ALA B 114 -1.11 -16.38 -22.57
C ALA B 114 -2.06 -15.22 -22.33
N ALA B 115 -2.86 -14.84 -23.33
CA ALA B 115 -3.94 -13.88 -23.09
C ALA B 115 -4.96 -14.45 -22.13
N LYS B 116 -5.29 -15.74 -22.27
CA LYS B 116 -6.16 -16.40 -21.31
C LYS B 116 -5.59 -16.32 -19.90
N ARG B 117 -4.32 -16.68 -19.73
CA ARG B 117 -3.70 -16.63 -18.40
C ARG B 117 -3.60 -15.21 -17.88
N GLN B 118 -3.40 -14.22 -18.76
CA GLN B 118 -3.39 -12.83 -18.33
C GLN B 118 -4.74 -12.43 -17.76
N GLN B 119 -5.82 -12.82 -18.44
CA GLN B 119 -7.16 -12.59 -17.89
C GLN B 119 -7.41 -13.42 -16.63
N GLU B 120 -6.66 -14.51 -16.44
CA GLU B 120 -6.77 -15.28 -15.21
C GLU B 120 -5.99 -14.68 -14.05
N LEU B 121 -5.04 -13.77 -14.33
CA LEU B 121 -4.23 -13.20 -13.27
C LEU B 121 -5.05 -12.25 -12.42
N LYS B 122 -4.43 -11.76 -11.34
CA LYS B 122 -5.07 -10.80 -10.45
C LYS B 122 -4.19 -9.59 -10.23
N ASP B 123 -2.93 -9.83 -9.87
CA ASP B 123 -1.98 -8.73 -9.74
C ASP B 123 -1.78 -8.05 -11.09
N VAL B 124 -1.90 -6.73 -11.10
CA VAL B 124 -1.93 -6.00 -12.37
C VAL B 124 -0.53 -5.75 -12.94
N GLY B 125 0.49 -5.69 -12.08
CA GLY B 125 1.85 -5.66 -12.58
C GLY B 125 2.17 -6.86 -13.43
N ASN B 126 1.72 -8.05 -13.01
CA ASN B 126 1.89 -9.24 -13.83
C ASN B 126 1.00 -9.20 -15.07
N ARG B 127 -0.19 -8.61 -14.97
CA ARG B 127 -1.01 -8.43 -16.17
C ARG B 127 -0.27 -7.64 -17.24
N ASP B 128 0.32 -6.51 -16.85
CA ASP B 128 1.01 -5.68 -17.82
C ASP B 128 2.32 -6.31 -18.29
N GLN B 129 3.01 -7.03 -17.40
CA GLN B 129 4.19 -7.77 -17.85
C GLN B 129 3.81 -8.82 -18.90
N MET B 130 2.70 -9.53 -18.67
CA MET B 130 2.24 -10.52 -19.63
C MET B 130 1.85 -9.86 -20.96
N ALA B 131 1.14 -8.74 -20.89
CA ALA B 131 0.73 -8.04 -22.11
C ALA B 131 1.95 -7.57 -22.91
N ALA B 132 2.92 -6.97 -22.22
CA ALA B 132 4.12 -6.49 -22.91
C ALA B 132 4.93 -7.64 -23.47
N ALA B 133 4.99 -8.78 -22.76
CA ALA B 133 5.72 -9.92 -23.26
C ALA B 133 5.07 -10.49 -24.52
N ARG B 134 3.75 -10.65 -24.50
CA ARG B 134 3.04 -11.09 -25.69
C ARG B 134 3.25 -10.12 -26.85
N GLY B 135 3.22 -8.81 -26.56
CA GLY B 135 3.41 -7.83 -27.61
C GLY B 135 4.79 -7.90 -28.22
N ILE B 136 5.83 -7.97 -27.38
CA ILE B 136 7.19 -8.08 -27.88
C ILE B 136 7.36 -9.37 -28.68
N LEU B 137 6.73 -10.46 -28.22
CA LEU B 137 6.77 -11.72 -28.95
C LEU B 137 6.21 -11.56 -30.36
N GLN B 138 4.98 -11.06 -30.46
CA GLN B 138 4.32 -10.94 -31.76
C GLN B 138 5.01 -9.90 -32.65
N LYS B 139 5.69 -8.92 -32.07
CA LYS B 139 6.38 -7.92 -32.88
C LYS B 139 7.74 -8.42 -33.37
N ASN B 140 8.40 -9.29 -32.60
CA ASN B 140 9.78 -9.63 -32.90
C ASN B 140 9.94 -10.99 -33.58
N VAL B 141 8.96 -11.89 -33.52
CA VAL B 141 9.11 -13.14 -34.25
C VAL B 141 9.12 -12.86 -35.76
N PRO B 142 8.12 -12.17 -36.32
CA PRO B 142 8.20 -11.83 -37.75
C PRO B 142 9.32 -10.87 -38.08
N ILE B 143 9.91 -10.21 -37.10
CA ILE B 143 11.09 -9.39 -37.37
C ILE B 143 12.37 -10.21 -37.24
N LEU B 144 12.40 -11.19 -36.32
CA LEU B 144 13.51 -12.12 -36.28
C LEU B 144 13.63 -12.90 -37.58
N TYR B 145 12.50 -13.22 -38.23
CA TYR B 145 12.58 -13.89 -39.53
C TYR B 145 13.37 -13.06 -40.53
N THR B 146 12.98 -11.80 -40.73
CA THR B 146 13.65 -10.96 -41.71
C THR B 146 15.07 -10.61 -41.30
N ALA B 147 15.34 -10.53 -40.00
CA ALA B 147 16.70 -10.28 -39.55
C ALA B 147 17.61 -11.46 -39.85
N SER B 148 17.11 -12.68 -39.59
CA SER B 148 17.90 -13.87 -39.93
C SER B 148 18.07 -14.01 -41.45
N GLN B 149 17.05 -13.62 -42.21
CA GLN B 149 17.16 -13.64 -43.67
C GLN B 149 18.23 -12.67 -44.15
N ALA B 150 18.27 -11.45 -43.58
CA ALA B 150 19.31 -10.50 -43.94
C ALA B 150 20.68 -10.96 -43.48
N CYS B 151 20.75 -11.72 -42.38
CA CYS B 151 22.02 -12.32 -41.98
C CYS B 151 22.49 -13.36 -43.00
N LEU B 152 21.58 -14.21 -43.45
CA LEU B 152 21.96 -15.30 -44.34
C LEU B 152 22.19 -14.86 -45.79
N GLN B 153 21.59 -13.73 -46.20
CA GLN B 153 21.81 -13.25 -47.56
C GLN B 153 23.05 -12.36 -47.68
N HIS B 154 23.27 -11.47 -46.72
CA HIS B 154 24.45 -10.60 -46.68
C HIS B 154 25.25 -10.93 -45.41
N PRO B 155 25.99 -12.04 -45.38
CA PRO B 155 26.75 -12.38 -44.18
C PRO B 155 28.02 -11.57 -43.97
N ASP B 156 28.37 -10.69 -44.92
CA ASP B 156 29.58 -9.89 -44.79
C ASP B 156 29.42 -8.71 -43.83
N VAL B 157 28.19 -8.25 -43.60
CA VAL B 157 27.92 -7.14 -42.70
C VAL B 157 27.55 -7.68 -41.32
N ALA B 158 28.23 -7.18 -40.29
CA ALA B 158 27.98 -7.59 -38.91
C ALA B 158 26.84 -6.84 -38.26
N ALA B 159 26.38 -5.72 -38.85
CA ALA B 159 25.23 -5.02 -38.30
C ALA B 159 23.99 -5.91 -38.34
N TYR B 160 23.86 -6.74 -39.38
CA TYR B 160 22.74 -7.67 -39.43
C TYR B 160 22.84 -8.71 -38.33
N LYS B 161 24.06 -9.15 -38.01
CA LYS B 161 24.25 -10.06 -36.89
C LYS B 161 23.85 -9.39 -35.58
N ALA B 162 24.26 -8.14 -35.39
CA ALA B 162 23.91 -7.41 -34.18
C ALA B 162 22.39 -7.27 -34.04
N ASN B 163 21.70 -6.99 -35.14
CA ASN B 163 20.24 -6.85 -35.08
C ASN B 163 19.56 -8.20 -34.82
N ARG B 164 20.04 -9.26 -35.48
CA ARG B 164 19.51 -10.60 -35.21
C ARG B 164 19.65 -10.96 -33.74
N ASP B 165 20.82 -10.69 -33.16
CA ASP B 165 21.04 -11.04 -31.76
C ASP B 165 20.25 -10.14 -30.82
N LEU B 166 20.10 -8.86 -31.16
CA LEU B 166 19.29 -7.96 -30.35
C LEU B 166 17.84 -8.42 -30.30
N ILE B 167 17.28 -8.77 -31.46
CA ILE B 167 15.90 -9.23 -31.49
C ILE B 167 15.76 -10.59 -30.82
N TYR B 168 16.80 -11.45 -30.90
CA TYR B 168 16.73 -12.72 -30.20
C TYR B 168 16.76 -12.53 -28.69
N LYS B 169 17.56 -11.58 -28.21
CA LYS B 169 17.61 -11.29 -26.79
C LYS B 169 16.28 -10.73 -26.30
N GLN B 170 15.70 -9.80 -27.07
CA GLN B 170 14.38 -9.30 -26.71
C GLN B 170 13.34 -10.42 -26.71
N LEU B 171 13.45 -11.35 -27.66
CA LEU B 171 12.51 -12.46 -27.71
C LEU B 171 12.64 -13.37 -26.50
N GLN B 172 13.88 -13.66 -26.09
CA GLN B 172 14.08 -14.49 -24.90
C GLN B 172 13.60 -13.78 -23.65
N GLN B 173 13.79 -12.46 -23.59
CA GLN B 173 13.26 -11.69 -22.47
C GLN B 173 11.73 -11.76 -22.43
N ALA B 174 11.09 -11.73 -23.60
CA ALA B 174 9.64 -11.90 -23.66
C ALA B 174 9.23 -13.28 -23.19
N VAL B 175 10.00 -14.30 -23.58
CA VAL B 175 9.72 -15.67 -23.14
C VAL B 175 9.76 -15.76 -21.63
N THR B 176 10.83 -15.24 -21.02
CA THR B 176 10.96 -15.31 -19.57
C THR B 176 9.91 -14.45 -18.87
N GLY B 177 9.54 -13.32 -19.46
CA GLY B 177 8.49 -12.50 -18.89
C GLY B 177 7.15 -13.22 -18.86
N ILE B 178 6.81 -13.91 -19.96
CA ILE B 178 5.61 -14.74 -19.96
C ILE B 178 5.70 -15.81 -18.88
N SER B 179 6.85 -16.50 -18.81
CA SER B 179 7.04 -17.56 -17.83
C SER B 179 6.78 -17.08 -16.41
N ASN B 180 7.37 -15.95 -16.05
CA ASN B 180 7.23 -15.47 -14.67
C ASN B 180 5.87 -14.84 -14.41
N ALA B 181 5.32 -14.09 -15.37
CA ALA B 181 4.01 -13.50 -15.16
C ALA B 181 2.91 -14.56 -15.07
N ALA B 182 3.14 -15.74 -15.68
CA ALA B 182 2.15 -16.81 -15.57
C ALA B 182 2.37 -17.69 -14.35
N GLN B 183 3.62 -18.06 -14.06
CA GLN B 183 3.90 -18.97 -12.96
C GLN B 183 3.67 -18.29 -11.62
N ALA B 184 4.19 -17.07 -11.45
CA ALA B 184 4.08 -16.36 -10.18
C ALA B 184 2.64 -15.95 -9.91
N THR B 185 1.87 -16.82 -9.27
CA THR B 185 0.48 -16.52 -8.92
C THR B 185 0.34 -16.30 -7.42
N ALA B 186 1.17 -15.41 -6.86
CA ALA B 186 1.16 -15.15 -5.42
C ALA B 186 1.39 -13.66 -5.18
N SER B 187 0.59 -13.07 -4.31
CA SER B 187 0.75 -11.66 -3.94
C SER B 187 0.54 -11.49 -2.45
N SER B 197 0.84 4.83 -7.57
CA SER B 197 1.41 4.46 -8.87
C SER B 197 1.53 5.69 -9.79
N GLY B 198 1.46 6.87 -9.19
CA GLY B 198 1.58 8.10 -9.95
C GLY B 198 2.99 8.40 -10.40
N GLY B 199 3.26 9.68 -10.69
CA GLY B 199 4.58 10.09 -11.09
C GLY B 199 5.51 10.34 -9.91
N GLU B 200 6.80 10.42 -10.21
CA GLU B 200 7.79 10.57 -9.16
C GLU B 200 7.71 11.95 -8.50
N LEU B 201 7.77 13.02 -9.30
CA LEU B 201 7.73 14.36 -8.72
C LEU B 201 6.36 14.72 -8.19
N ALA B 202 5.29 14.19 -8.81
CA ALA B 202 3.94 14.48 -8.33
C ALA B 202 3.67 13.84 -6.98
N TYR B 203 4.13 12.60 -6.81
CA TYR B 203 3.99 11.91 -5.53
C TYR B 203 4.66 12.70 -4.41
N ALA B 204 5.93 13.06 -4.62
CA ALA B 204 6.67 13.81 -3.61
C ALA B 204 6.08 15.21 -3.40
N LEU B 205 5.51 15.81 -4.45
CA LEU B 205 4.92 17.13 -4.31
C LEU B 205 3.66 17.08 -3.45
N ASN B 206 2.79 16.09 -3.69
CA ASN B 206 1.60 15.95 -2.85
C ASN B 206 1.97 15.56 -1.43
N ASN B 207 2.99 14.71 -1.27
CA ASN B 207 3.48 14.36 0.07
C ASN B 207 3.92 15.61 0.83
N PHE B 208 4.84 16.38 0.24
CA PHE B 208 5.30 17.62 0.86
C PHE B 208 4.16 18.59 1.07
N ASP B 209 3.12 18.53 0.24
CA ASP B 209 1.95 19.36 0.45
C ASP B 209 1.20 18.94 1.71
N LYS B 210 1.17 17.64 1.99
CA LYS B 210 0.43 17.18 3.16
C LYS B 210 1.30 17.01 4.40
N GLN B 211 2.61 16.79 4.23
CA GLN B 211 3.51 16.52 5.35
C GLN B 211 3.95 17.79 6.07
N ILE B 212 3.28 18.92 5.84
CA ILE B 212 3.61 20.15 6.55
C ILE B 212 2.44 20.59 7.42
N ILE B 213 1.93 19.66 8.24
CA ILE B 213 0.81 19.93 9.12
C ILE B 213 1.09 19.53 10.56
N VAL B 214 2.29 19.04 10.86
CA VAL B 214 2.62 18.52 12.19
C VAL B 214 3.69 19.41 12.82
N ASP B 215 3.72 19.41 14.16
CA ASP B 215 4.70 20.18 14.92
C ASP B 215 6.00 19.39 15.05
N PRO B 216 7.05 19.73 14.29
CA PRO B 216 8.27 18.92 14.28
C PRO B 216 9.25 19.21 15.41
N LEU B 217 8.88 20.07 16.36
CA LEU B 217 9.72 20.28 17.53
C LEU B 217 9.72 19.07 18.46
N SER B 218 8.75 18.16 18.29
CA SER B 218 8.70 16.95 19.09
C SER B 218 9.78 15.97 18.63
N PHE B 219 10.10 15.03 19.52
CA PHE B 219 11.10 14.00 19.23
C PHE B 219 10.50 12.75 18.60
N SER B 220 9.35 12.87 17.94
CA SER B 220 8.70 11.74 17.29
C SER B 220 8.73 11.80 15.77
N GLU B 221 8.89 13.00 15.19
CA GLU B 221 8.95 13.17 13.75
C GLU B 221 10.10 14.07 13.33
N GLU B 222 11.09 14.26 14.20
CA GLU B 222 12.31 14.98 13.87
C GLU B 222 13.56 14.10 13.89
N ARG B 223 13.44 12.85 14.33
CA ARG B 223 14.54 11.89 14.27
C ARG B 223 14.17 10.60 13.56
N PHE B 224 12.88 10.27 13.43
CA PHE B 224 12.40 9.12 12.67
C PHE B 224 12.00 9.53 11.26
N ARG B 225 10.95 10.34 11.15
CA ARG B 225 10.50 10.84 9.86
C ARG B 225 11.60 11.70 9.24
N PRO B 226 11.63 11.83 7.91
CA PRO B 226 12.68 12.63 7.27
C PRO B 226 12.55 14.09 7.61
N SER B 227 13.69 14.79 7.55
CA SER B 227 13.68 16.23 7.73
C SER B 227 12.79 16.88 6.68
N LEU B 228 11.90 17.77 7.11
CA LEU B 228 11.09 18.51 6.14
C LEU B 228 11.93 19.39 5.23
N GLU B 229 13.23 19.50 5.49
CA GLU B 229 14.15 20.15 4.57
C GLU B 229 14.70 19.20 3.52
N GLU B 230 14.89 17.92 3.87
CA GLU B 230 15.43 16.96 2.91
C GLU B 230 14.42 16.67 1.81
N ARG B 231 13.13 16.56 2.16
CA ARG B 231 12.11 16.35 1.14
C ARG B 231 12.11 17.49 0.14
N LEU B 232 12.14 18.73 0.63
CA LEU B 232 12.22 19.88 -0.26
C LEU B 232 13.50 19.87 -1.08
N GLU B 233 14.61 19.44 -0.47
CA GLU B 233 15.88 19.47 -1.20
C GLU B 233 15.89 18.46 -2.33
N SER B 234 15.32 17.27 -2.12
CA SER B 234 15.21 16.31 -3.21
C SER B 234 14.19 16.77 -4.25
N ILE B 235 13.13 17.45 -3.82
CA ILE B 235 12.20 18.05 -4.78
C ILE B 235 12.92 19.05 -5.66
N ILE B 236 13.76 19.90 -5.06
CA ILE B 236 14.55 20.87 -5.83
C ILE B 236 15.53 20.16 -6.74
N SER B 237 16.10 19.05 -6.28
CA SER B 237 16.95 18.24 -7.14
C SER B 237 16.22 17.81 -8.40
N GLY B 238 14.98 17.32 -8.24
CA GLY B 238 14.21 16.91 -9.40
C GLY B 238 13.81 18.07 -10.30
N ALA B 239 13.38 19.18 -9.70
CA ALA B 239 12.95 20.33 -10.48
C ALA B 239 14.11 20.93 -11.26
N ALA B 240 15.30 21.01 -10.65
CA ALA B 240 16.47 21.50 -11.36
C ALA B 240 17.07 20.47 -12.29
N LEU B 241 16.76 19.19 -12.10
CA LEU B 241 17.07 18.20 -13.13
C LEU B 241 16.26 18.46 -14.38
N MET B 242 14.97 18.78 -14.22
CA MET B 242 14.14 19.12 -15.37
C MET B 242 14.61 20.42 -16.02
N ALA B 243 14.69 21.50 -15.22
CA ALA B 243 15.02 22.82 -15.74
C ALA B 243 16.47 22.95 -16.20
N ASP B 244 17.31 21.93 -16.03
CA ASP B 244 18.64 21.95 -16.59
C ASP B 244 18.78 21.09 -17.83
N SER B 245 17.72 20.37 -18.22
CA SER B 245 17.75 19.56 -19.42
C SER B 245 18.10 20.43 -20.63
N SER B 246 18.85 19.84 -21.56
CA SER B 246 19.23 20.56 -22.78
C SER B 246 18.02 21.03 -23.57
N CYS B 247 16.85 20.45 -23.32
CA CYS B 247 15.63 20.79 -24.04
C CYS B 247 14.89 21.97 -23.42
N THR B 248 15.35 22.49 -22.29
CA THR B 248 14.64 23.55 -21.58
C THR B 248 15.03 24.91 -22.12
N ARG B 249 14.02 25.75 -22.37
CA ARG B 249 14.26 27.14 -22.72
C ARG B 249 14.86 27.89 -21.53
N ASP B 250 15.42 29.07 -21.80
CA ASP B 250 15.92 29.90 -20.72
C ASP B 250 14.79 30.48 -19.88
N ASP B 251 13.63 30.69 -20.50
CA ASP B 251 12.47 31.23 -19.78
C ASP B 251 12.07 30.33 -18.62
N ARG B 252 11.74 29.07 -18.92
CA ARG B 252 11.33 28.13 -17.89
C ARG B 252 12.44 27.91 -16.88
N ARG B 253 13.71 27.97 -17.30
CA ARG B 253 14.81 27.76 -16.37
C ARG B 253 14.90 28.88 -15.34
N GLU B 254 14.86 30.14 -15.81
CA GLU B 254 14.84 31.27 -14.90
C GLU B 254 13.65 31.18 -13.95
N ARG B 255 12.48 30.83 -14.47
CA ARG B 255 11.29 30.77 -13.61
C ARG B 255 11.38 29.62 -12.61
N ILE B 256 12.00 28.50 -12.98
CA ILE B 256 12.13 27.40 -12.03
C ILE B 256 13.13 27.75 -10.94
N VAL B 257 14.21 28.45 -11.30
CA VAL B 257 15.14 28.94 -10.28
C VAL B 257 14.41 29.86 -9.31
N ALA B 258 13.63 30.80 -9.84
CA ALA B 258 12.87 31.71 -8.99
C ALA B 258 11.93 30.94 -8.07
N GLU B 259 11.26 29.91 -8.60
CA GLU B 259 10.29 29.18 -7.78
C GLU B 259 10.97 28.29 -6.75
N CYS B 260 12.13 27.73 -7.06
CA CYS B 260 12.87 26.96 -6.06
C CYS B 260 13.33 27.87 -4.93
N ASN B 261 13.85 29.05 -5.26
CA ASN B 261 14.30 29.97 -4.22
C ASN B 261 13.13 30.63 -3.48
N ALA B 262 11.93 30.63 -4.06
CA ALA B 262 10.76 31.12 -3.36
C ALA B 262 10.07 30.03 -2.54
N VAL B 263 10.31 28.75 -2.85
CA VAL B 263 9.80 27.65 -2.04
C VAL B 263 10.80 27.24 -0.97
N ARG B 264 12.05 27.70 -1.05
CA ARG B 264 12.95 27.58 0.09
C ARG B 264 12.76 28.72 1.08
N GLN B 265 12.33 29.89 0.60
CA GLN B 265 12.03 31.02 1.50
C GLN B 265 10.72 30.80 2.24
N ALA B 266 9.73 30.20 1.59
CA ALA B 266 8.49 29.88 2.27
C ALA B 266 8.65 28.73 3.24
N LEU B 267 9.72 27.94 3.11
CA LEU B 267 10.01 26.90 4.09
C LEU B 267 10.86 27.43 5.25
N GLN B 268 11.79 28.34 4.97
CA GLN B 268 12.54 28.97 6.05
C GLN B 268 11.65 29.87 6.88
N ASP B 269 10.70 30.55 6.25
CA ASP B 269 9.67 31.27 7.00
C ASP B 269 8.87 30.31 7.87
N LEU B 270 8.41 29.21 7.28
CA LEU B 270 7.68 28.19 8.04
C LEU B 270 8.56 27.55 9.10
N LEU B 271 9.85 27.40 8.82
CA LEU B 271 10.76 26.82 9.80
C LEU B 271 10.92 27.72 11.02
N SER B 272 11.12 29.03 10.79
CA SER B 272 11.19 29.97 11.90
C SER B 272 9.82 30.24 12.52
N GLU B 273 8.73 29.82 11.88
CA GLU B 273 7.42 29.93 12.52
C GLU B 273 7.13 28.75 13.43
N TYR B 274 7.49 27.53 13.02
CA TYR B 274 7.26 26.38 13.87
C TYR B 274 8.34 26.21 14.94
N MET B 275 9.54 26.73 14.69
CA MET B 275 10.62 26.60 15.67
C MET B 275 10.33 27.42 16.92
N GLY B 276 9.67 28.57 16.76
CA GLY B 276 9.37 29.45 17.88
C GLY B 276 7.96 29.39 18.40
N ASN B 277 7.12 28.50 17.90
CA ASN B 277 5.75 28.37 18.39
C ASN B 277 5.65 27.25 19.41
N ALA B 278 5.61 26.00 18.93
CA ALA B 278 5.52 24.83 19.80
C ALA B 278 4.35 24.92 20.77
N GLY B 279 3.23 25.44 20.27
CA GLY B 279 2.05 25.61 21.10
C GLY B 279 0.79 25.04 20.49
N ARG B 280 0.13 24.14 21.20
CA ARG B 280 -1.09 23.52 20.71
C ARG B 280 -2.31 24.39 21.05
N SER B 284 -1.89 27.67 18.12
CA SER B 284 -1.16 28.76 17.50
C SER B 284 -1.87 29.22 16.22
N ASP B 285 -1.44 30.37 15.68
CA ASP B 285 -2.07 30.93 14.49
C ASP B 285 -1.06 31.61 13.58
N ALA B 286 0.07 32.06 14.16
CA ALA B 286 1.07 32.76 13.36
C ALA B 286 1.63 31.87 12.27
N LEU B 287 1.58 30.54 12.44
CA LEU B 287 2.09 29.61 11.46
C LEU B 287 1.06 29.18 10.43
N ASN B 288 -0.21 29.54 10.60
CA ASN B 288 -1.20 29.25 9.57
C ASN B 288 -0.91 30.05 8.31
N SER B 289 -0.48 31.30 8.46
CA SER B 289 -0.05 32.07 7.31
C SER B 289 1.15 31.42 6.63
N ALA B 290 2.08 30.86 7.43
CA ALA B 290 3.25 30.20 6.85
C ALA B 290 2.87 28.94 6.09
N ILE B 291 1.94 28.14 6.63
CA ILE B 291 1.54 26.92 5.93
C ILE B 291 0.75 27.25 4.67
N ASP B 292 -0.04 28.33 4.69
CA ASP B 292 -0.73 28.75 3.47
C ASP B 292 0.27 29.22 2.42
N LYS B 293 1.28 30.00 2.85
CA LYS B 293 2.33 30.42 1.94
C LYS B 293 3.06 29.23 1.34
N MET B 294 3.34 28.21 2.17
CA MET B 294 4.04 27.03 1.68
C MET B 294 3.19 26.27 0.67
N THR B 295 1.90 26.08 0.97
CA THR B 295 0.99 25.43 0.03
C THR B 295 0.96 26.17 -1.30
N LYS B 296 0.89 27.50 -1.26
CA LYS B 296 0.79 28.26 -2.50
C LYS B 296 2.09 28.23 -3.30
N LYS B 297 3.24 28.29 -2.61
CA LYS B 297 4.51 28.21 -3.32
C LYS B 297 4.72 26.83 -3.94
N THR B 298 4.29 25.76 -3.25
CA THR B 298 4.38 24.43 -3.84
C THR B 298 3.45 24.30 -5.05
N ARG B 299 2.24 24.86 -4.96
CA ARG B 299 1.34 24.84 -6.11
C ARG B 299 1.92 25.61 -7.28
N ASP B 300 2.60 26.73 -7.00
CA ASP B 300 3.19 27.54 -8.07
C ASP B 300 4.36 26.82 -8.73
N LEU B 301 5.20 26.13 -7.93
CA LEU B 301 6.28 25.36 -8.54
C LEU B 301 5.73 24.17 -9.34
N ARG B 302 4.63 23.59 -8.88
CA ARG B 302 3.93 22.58 -9.67
C ARG B 302 3.53 23.14 -11.04
N ARG B 303 2.86 24.30 -11.04
CA ARG B 303 2.43 24.91 -12.29
C ARG B 303 3.61 25.27 -13.18
N GLN B 304 4.73 25.68 -12.59
CA GLN B 304 5.90 26.05 -13.38
C GLN B 304 6.55 24.82 -14.02
N LEU B 305 6.57 23.69 -13.30
CA LEU B 305 7.05 22.46 -13.93
C LEU B 305 6.13 22.01 -15.05
N ARG B 306 4.81 22.21 -14.88
CA ARG B 306 3.88 21.96 -15.97
C ARG B 306 4.20 22.84 -17.18
N LYS B 307 4.45 24.12 -16.95
CA LYS B 307 4.81 25.03 -18.04
C LYS B 307 6.08 24.58 -18.73
N ALA B 308 7.07 24.10 -17.96
CA ALA B 308 8.33 23.66 -18.55
C ALA B 308 8.14 22.41 -19.40
N VAL B 309 7.35 21.45 -18.92
CA VAL B 309 7.13 20.24 -19.72
C VAL B 309 6.28 20.55 -20.96
N MET B 310 5.38 21.55 -20.86
CA MET B 310 4.63 21.95 -22.06
C MET B 310 5.54 22.64 -23.07
N ASP B 311 6.48 23.46 -22.58
CA ASP B 311 7.55 23.99 -23.42
C ASP B 311 8.24 22.85 -24.16
N HIS B 312 8.64 21.82 -23.43
CA HIS B 312 9.31 20.67 -24.06
C HIS B 312 8.44 20.04 -25.14
N VAL B 313 7.16 19.81 -24.83
CA VAL B 313 6.28 19.12 -25.77
C VAL B 313 6.08 19.95 -27.03
N SER B 314 5.88 21.26 -26.88
CA SER B 314 5.65 22.11 -28.04
C SER B 314 6.91 22.28 -28.88
N ASP B 315 8.09 22.23 -28.25
CA ASP B 315 9.34 22.47 -28.99
C ASP B 315 9.88 21.19 -29.62
N SER B 316 10.26 20.22 -28.79
CA SER B 316 11.03 19.09 -29.30
C SER B 316 10.21 18.13 -30.15
N PHE B 317 8.88 18.20 -30.07
CA PHE B 317 8.03 17.26 -30.81
C PHE B 317 7.78 17.71 -32.24
N LEU B 318 8.71 18.46 -32.81
CA LEU B 318 8.67 18.84 -34.22
C LEU B 318 9.92 18.31 -34.91
N GLU B 319 9.84 18.21 -36.24
CA GLU B 319 10.86 17.52 -37.03
C GLU B 319 11.08 16.11 -36.48
N THR B 320 9.96 15.41 -36.26
CA THR B 320 9.98 14.16 -35.51
C THR B 320 10.86 13.11 -36.19
N ASN B 321 10.60 12.83 -37.47
CA ASN B 321 11.36 11.82 -38.20
C ASN B 321 12.31 12.48 -39.20
N VAL B 322 13.11 13.44 -38.73
CA VAL B 322 14.02 14.20 -39.59
C VAL B 322 15.44 13.64 -39.52
N PRO B 323 16.02 13.41 -38.33
CA PRO B 323 17.33 12.75 -38.31
C PRO B 323 17.30 11.37 -38.94
N LEU B 324 16.18 10.65 -38.80
CA LEU B 324 16.05 9.37 -39.49
C LEU B 324 16.12 9.54 -40.99
N LEU B 325 15.46 10.57 -41.53
CA LEU B 325 15.47 10.77 -42.97
C LEU B 325 16.86 11.18 -43.46
N VAL B 326 17.56 12.05 -42.72
CA VAL B 326 18.93 12.39 -43.07
C VAL B 326 19.80 11.13 -43.05
N LEU B 327 19.61 10.28 -42.04
CA LEU B 327 20.40 9.07 -41.93
C LEU B 327 20.15 8.12 -43.10
N ILE B 328 18.88 7.90 -43.44
CA ILE B 328 18.60 6.96 -44.53
C ILE B 328 19.00 7.54 -45.87
N GLU B 329 18.98 8.87 -46.02
CA GLU B 329 19.42 9.47 -47.28
C GLU B 329 20.94 9.41 -47.42
N ALA B 330 21.67 9.52 -46.32
CA ALA B 330 23.11 9.32 -46.37
C ALA B 330 23.51 7.86 -46.49
N ALA B 331 22.64 6.94 -46.05
CA ALA B 331 22.91 5.52 -46.16
C ALA B 331 22.46 4.92 -47.49
N LYS B 332 21.56 5.59 -48.21
CA LYS B 332 21.19 5.16 -49.55
C LYS B 332 22.33 5.41 -50.55
N ASN B 333 23.30 6.24 -50.19
CA ASN B 333 24.40 6.61 -51.08
C ASN B 333 25.71 5.93 -50.71
N GLY B 334 25.62 4.79 -50.04
CA GLY B 334 26.79 3.98 -49.76
C GLY B 334 27.85 4.60 -48.87
N ASN B 335 27.56 5.78 -48.32
CA ASN B 335 28.52 6.44 -47.43
C ASN B 335 28.67 5.65 -46.14
N GLU B 336 29.84 5.77 -45.52
CA GLU B 336 30.14 5.01 -44.31
C GLU B 336 30.36 5.89 -43.10
N LYS B 337 31.23 6.90 -43.20
CA LYS B 337 31.49 7.74 -42.03
C LYS B 337 30.37 8.75 -41.79
N GLU B 338 29.78 9.30 -42.85
CA GLU B 338 28.59 10.11 -42.68
C GLU B 338 27.47 9.31 -42.03
N VAL B 339 27.38 8.02 -42.32
CA VAL B 339 26.37 7.18 -41.69
C VAL B 339 26.61 7.11 -40.19
N LYS B 340 27.85 6.89 -39.77
CA LYS B 340 28.14 6.83 -38.34
C LYS B 340 27.91 8.17 -37.66
N GLU B 341 28.28 9.26 -38.31
CA GLU B 341 28.06 10.59 -37.75
C GLU B 341 26.56 10.86 -37.58
N TYR B 342 25.80 10.75 -38.66
CA TYR B 342 24.36 10.97 -38.59
C TYR B 342 23.67 9.95 -37.70
N ALA B 343 24.28 8.78 -37.48
CA ALA B 343 23.67 7.79 -36.59
C ALA B 343 23.89 8.14 -35.13
N GLN B 344 25.07 8.65 -34.79
CA GLN B 344 25.26 9.21 -33.45
C GLN B 344 24.30 10.38 -33.23
N VAL B 345 24.11 11.22 -34.26
CA VAL B 345 23.18 12.34 -34.16
C VAL B 345 21.75 11.84 -33.95
N PHE B 346 21.37 10.79 -34.67
CA PHE B 346 20.03 10.22 -34.56
C PHE B 346 19.82 9.59 -33.19
N ARG B 347 20.84 8.92 -32.66
CA ARG B 347 20.78 8.40 -31.30
C ARG B 347 20.60 9.52 -30.30
N GLU B 348 21.31 10.64 -30.50
CA GLU B 348 21.18 11.78 -29.60
C GLU B 348 19.78 12.37 -29.65
N HIS B 349 19.21 12.51 -30.84
CA HIS B 349 17.87 13.08 -30.96
C HIS B 349 16.81 12.14 -30.38
N ALA B 350 16.99 10.84 -30.57
CA ALA B 350 16.09 9.87 -29.95
C ALA B 350 16.17 9.96 -28.43
N ASN B 351 17.39 10.08 -27.90
CA ASN B 351 17.55 10.23 -26.46
C ASN B 351 16.94 11.54 -25.97
N LYS B 352 16.97 12.58 -26.80
CA LYS B 352 16.31 13.84 -26.47
C LYS B 352 14.80 13.65 -26.35
N LEU B 353 14.21 12.96 -27.33
CA LEU B 353 12.80 12.58 -27.26
C LEU B 353 12.49 11.82 -25.99
N ILE B 354 13.33 10.84 -25.66
CA ILE B 354 13.10 9.98 -24.50
C ILE B 354 13.23 10.77 -23.21
N GLU B 355 14.18 11.71 -23.15
CA GLU B 355 14.36 12.53 -21.97
C GLU B 355 13.16 13.46 -21.76
N VAL B 356 12.64 14.04 -22.85
CA VAL B 356 11.44 14.87 -22.75
C VAL B 356 10.26 14.04 -22.25
N ALA B 357 10.08 12.84 -22.83
CA ALA B 357 9.00 11.97 -22.39
C ALA B 357 9.17 11.57 -20.93
N ASN B 358 10.41 11.42 -20.47
CA ASN B 358 10.65 11.02 -19.09
C ASN B 358 10.32 12.16 -18.12
N LEU B 359 10.65 13.40 -18.51
CA LEU B 359 10.27 14.54 -17.67
C LEU B 359 8.76 14.69 -17.57
N ALA B 360 8.07 14.58 -18.72
CA ALA B 360 6.62 14.64 -18.73
C ALA B 360 5.99 13.49 -17.97
N CYS B 361 6.65 12.34 -17.95
CA CYS B 361 6.22 11.23 -17.11
C CYS B 361 6.46 11.57 -15.63
N SER B 362 7.53 12.29 -15.34
CA SER B 362 7.86 12.65 -13.96
C SER B 362 6.74 13.48 -13.34
N ILE B 363 6.48 14.67 -13.90
CA ILE B 363 5.55 15.58 -13.22
C ILE B 363 4.09 15.18 -13.37
N SER B 364 3.78 14.03 -13.96
CA SER B 364 2.40 13.66 -14.26
C SER B 364 1.76 12.87 -13.12
N ASN B 365 0.45 13.07 -12.94
CA ASN B 365 -0.29 12.42 -11.87
C ASN B 365 -0.95 11.13 -12.32
N ASN B 366 -1.35 11.04 -13.59
CA ASN B 366 -2.10 9.87 -14.06
C ASN B 366 -1.22 8.62 -14.02
N GLU B 367 -1.76 7.55 -13.43
CA GLU B 367 -0.98 6.33 -13.25
C GLU B 367 -0.85 5.56 -14.56
N GLU B 368 -1.95 5.41 -15.30
CA GLU B 368 -1.91 4.65 -16.54
C GLU B 368 -1.04 5.33 -17.58
N GLY B 369 -1.21 6.63 -17.76
CA GLY B 369 -0.47 7.34 -18.79
C GLY B 369 1.03 7.31 -18.56
N VAL B 370 1.46 7.38 -17.29
CA VAL B 370 2.88 7.30 -16.98
C VAL B 370 3.45 5.97 -17.47
N LYS B 371 2.72 4.89 -17.22
CA LYS B 371 3.17 3.57 -17.63
C LYS B 371 3.30 3.48 -19.15
N LEU B 372 2.27 3.91 -19.87
CA LEU B 372 2.27 3.86 -21.32
C LEU B 372 3.40 4.69 -21.90
N VAL B 373 3.61 5.90 -21.35
CA VAL B 373 4.67 6.77 -21.84
C VAL B 373 6.03 6.11 -21.64
N ARG B 374 6.30 5.61 -20.42
CA ARG B 374 7.61 5.05 -20.15
C ARG B 374 7.85 3.78 -20.99
N MET B 375 6.82 2.96 -21.15
CA MET B 375 6.97 1.73 -21.92
C MET B 375 7.22 2.02 -23.39
N SER B 376 6.44 2.94 -23.98
CA SER B 376 6.63 3.30 -25.37
C SER B 376 8.00 3.91 -25.59
N ALA B 377 8.45 4.77 -24.67
CA ALA B 377 9.77 5.38 -24.80
C ALA B 377 10.87 4.35 -24.68
N SER B 378 10.71 3.35 -23.81
CA SER B 378 11.72 2.31 -23.70
C SER B 378 11.77 1.45 -24.95
N GLN B 379 10.61 1.16 -25.53
CA GLN B 379 10.60 0.39 -26.78
C GLN B 379 11.26 1.18 -27.91
N LEU B 380 11.03 2.49 -27.95
CA LEU B 380 11.71 3.34 -28.93
C LEU B 380 13.21 3.37 -28.68
N GLU B 381 13.62 3.37 -27.41
CA GLU B 381 15.05 3.33 -27.08
C GLU B 381 15.68 2.03 -27.53
N ALA B 382 14.96 0.92 -27.40
CA ALA B 382 15.47 -0.36 -27.89
C ALA B 382 15.50 -0.40 -29.41
N LEU B 383 14.58 0.32 -30.06
CA LEU B 383 14.52 0.35 -31.51
C LEU B 383 15.62 1.21 -32.11
N CYS B 384 16.06 2.24 -31.39
CA CYS B 384 17.10 3.16 -31.87
C CYS B 384 18.36 2.45 -32.39
N PRO B 385 19.04 1.60 -31.61
CA PRO B 385 20.26 0.97 -32.15
C PRO B 385 19.96 0.01 -33.28
N GLN B 386 18.77 -0.59 -33.29
CA GLN B 386 18.41 -1.51 -34.38
C GLN B 386 18.34 -0.77 -35.72
N VAL B 387 17.65 0.37 -35.75
CA VAL B 387 17.55 1.12 -37.00
C VAL B 387 18.88 1.78 -37.35
N ILE B 388 19.69 2.12 -36.34
CA ILE B 388 21.06 2.58 -36.64
C ILE B 388 21.83 1.49 -37.38
N ASN B 389 21.79 0.26 -36.85
CA ASN B 389 22.50 -0.84 -37.50
C ASN B 389 21.90 -1.16 -38.85
N ALA B 390 20.59 -0.97 -39.02
CA ALA B 390 19.96 -1.24 -40.30
C ALA B 390 20.39 -0.24 -41.36
N ALA B 391 20.49 1.04 -40.98
CA ALA B 391 21.01 2.04 -41.89
C ALA B 391 22.47 1.77 -42.24
N LEU B 392 23.25 1.34 -41.24
CA LEU B 392 24.65 1.00 -41.50
C LEU B 392 24.76 -0.20 -42.45
N ALA B 393 23.91 -1.21 -42.26
CA ALA B 393 23.97 -2.39 -43.12
C ALA B 393 23.44 -2.10 -44.52
N LEU B 394 22.51 -1.15 -44.65
CA LEU B 394 22.10 -0.72 -45.99
C LEU B 394 23.22 0.03 -46.69
N ALA B 395 23.87 0.96 -45.99
CA ALA B 395 24.99 1.69 -46.58
C ALA B 395 26.16 0.77 -46.91
N ALA B 396 26.30 -0.35 -46.19
CA ALA B 396 27.40 -1.27 -46.48
C ALA B 396 27.15 -2.05 -47.77
N LYS B 397 25.89 -2.27 -48.12
CA LYS B 397 25.50 -2.97 -49.35
C LYS B 397 24.40 -2.17 -50.03
N PRO B 398 24.72 -0.95 -50.51
CA PRO B 398 23.65 -0.07 -51.01
C PRO B 398 22.94 -0.63 -52.24
N GLN B 399 23.67 -1.28 -53.14
CA GLN B 399 23.06 -1.90 -54.32
C GLN B 399 22.52 -3.29 -53.97
N SER B 400 21.54 -3.29 -53.07
CA SER B 400 20.88 -4.51 -52.64
C SER B 400 19.40 -4.23 -52.44
N LYS B 401 18.56 -5.20 -52.83
CA LYS B 401 17.13 -5.07 -52.59
C LYS B 401 16.80 -5.25 -51.11
N LEU B 402 17.29 -6.35 -50.52
CA LEU B 402 16.86 -6.71 -49.18
C LEU B 402 17.38 -5.74 -48.13
N ALA B 403 18.56 -5.15 -48.34
CA ALA B 403 19.03 -4.11 -47.43
C ALA B 403 18.12 -2.90 -47.47
N GLN B 404 17.68 -2.52 -48.68
CA GLN B 404 16.71 -1.44 -48.83
C GLN B 404 15.40 -1.78 -48.13
N GLU B 405 14.97 -3.04 -48.22
CA GLU B 405 13.73 -3.45 -47.56
C GLU B 405 13.87 -3.38 -46.05
N ASN B 406 15.01 -3.82 -45.51
CA ASN B 406 15.24 -3.71 -44.08
C ASN B 406 15.22 -2.26 -43.62
N MET B 407 15.88 -1.38 -44.38
CA MET B 407 15.87 0.04 -44.02
C MET B 407 14.45 0.60 -44.04
N ASP B 408 13.66 0.24 -45.06
CA ASP B 408 12.27 0.71 -45.12
C ASP B 408 11.48 0.22 -43.92
N LEU B 409 11.62 -1.06 -43.59
CA LEU B 409 10.88 -1.63 -42.46
C LEU B 409 11.25 -0.93 -41.15
N PHE B 410 12.54 -0.71 -40.93
CA PHE B 410 12.95 -0.08 -39.68
C PHE B 410 12.57 1.41 -39.64
N LYS B 411 12.56 2.09 -40.78
CA LYS B 411 12.10 3.48 -40.78
C LYS B 411 10.61 3.56 -40.46
N GLU B 412 9.82 2.62 -41.00
CA GLU B 412 8.40 2.62 -40.67
C GLU B 412 8.17 2.28 -39.20
N GLN B 413 8.93 1.31 -38.67
CA GLN B 413 8.86 1.01 -37.24
C GLN B 413 9.19 2.24 -36.40
N TRP B 414 10.21 2.99 -36.82
CA TRP B 414 10.60 4.19 -36.08
C TRP B 414 9.48 5.23 -36.10
N GLU B 415 8.91 5.47 -37.27
CA GLU B 415 7.83 6.46 -37.37
C GLU B 415 6.64 6.04 -36.52
N LYS B 416 6.32 4.75 -36.50
CA LYS B 416 5.19 4.27 -35.70
C LYS B 416 5.46 4.46 -34.21
N GLN B 417 6.67 4.09 -33.75
CA GLN B 417 7.00 4.25 -32.34
C GLN B 417 7.02 5.71 -31.92
N VAL B 418 7.52 6.59 -32.81
CA VAL B 418 7.50 8.02 -32.50
C VAL B 418 6.06 8.52 -32.41
N ARG B 419 5.19 8.06 -33.31
CA ARG B 419 3.80 8.52 -33.26
C ARG B 419 3.11 8.04 -31.98
N VAL B 420 3.41 6.82 -31.54
CA VAL B 420 2.72 6.31 -30.34
C VAL B 420 3.26 6.99 -29.09
N LEU B 421 4.57 7.27 -29.03
CA LEU B 421 5.10 8.06 -27.92
C LEU B 421 4.50 9.47 -27.92
N THR B 422 4.33 10.06 -29.11
CA THR B 422 3.72 11.37 -29.22
C THR B 422 2.30 11.37 -28.68
N ASP B 423 1.48 10.39 -29.10
CA ASP B 423 0.11 10.32 -28.62
C ASP B 423 0.05 10.02 -27.13
N ALA B 424 0.99 9.23 -26.61
CA ALA B 424 1.03 8.97 -25.18
C ALA B 424 1.32 10.25 -24.41
N VAL B 425 2.31 11.03 -24.85
CA VAL B 425 2.61 12.28 -24.16
C VAL B 425 1.49 13.30 -24.35
N ASP B 426 0.75 13.22 -25.47
CA ASP B 426 -0.40 14.11 -25.66
C ASP B 426 -1.49 13.81 -24.64
N ASP B 427 -1.87 12.54 -24.52
CA ASP B 427 -2.94 12.15 -23.62
C ASP B 427 -2.54 12.22 -22.15
N ILE B 428 -1.24 12.16 -21.85
CA ILE B 428 -0.78 12.28 -20.47
C ILE B 428 -0.71 13.71 -19.98
N THR B 429 -0.93 14.68 -20.87
CA THR B 429 -0.83 16.09 -20.52
C THR B 429 -2.13 16.82 -20.87
N SER B 430 -2.27 18.02 -20.30
CA SER B 430 -3.46 18.82 -20.50
C SER B 430 -3.50 19.38 -21.92
N ILE B 431 -4.72 19.47 -22.46
CA ILE B 431 -4.89 19.92 -23.85
C ILE B 431 -4.69 21.42 -23.96
N ASP B 432 -5.38 22.21 -23.12
CA ASP B 432 -5.32 23.65 -23.25
C ASP B 432 -3.99 24.23 -22.80
N ASP B 433 -3.24 23.53 -21.95
CA ASP B 433 -1.86 23.95 -21.68
C ASP B 433 -1.04 23.94 -22.96
N PHE B 434 -1.14 22.83 -23.71
CA PHE B 434 -0.48 22.76 -25.02
C PHE B 434 -1.00 23.85 -25.95
N LEU B 435 -2.32 24.07 -25.94
CA LEU B 435 -2.91 25.11 -26.77
C LEU B 435 -2.26 26.47 -26.50
N ALA B 436 -2.17 26.85 -25.22
CA ALA B 436 -1.67 28.18 -24.88
C ALA B 436 -0.17 28.31 -25.13
N VAL B 437 0.60 27.28 -24.78
CA VAL B 437 2.05 27.36 -24.97
C VAL B 437 2.38 27.37 -26.47
N SER B 438 1.64 26.60 -27.27
CA SER B 438 1.86 26.61 -28.71
C SER B 438 1.37 27.91 -29.33
N GLU B 439 0.30 28.51 -28.79
CA GLU B 439 -0.15 29.81 -29.24
C GLU B 439 0.95 30.86 -29.05
N ASN B 440 1.52 30.92 -27.84
CA ASN B 440 2.57 31.90 -27.57
C ASN B 440 3.82 31.63 -28.40
N HIS B 441 4.19 30.36 -28.56
CA HIS B 441 5.36 30.02 -29.36
C HIS B 441 5.15 30.36 -30.84
N ILE B 442 3.96 30.07 -31.36
CA ILE B 442 3.68 30.37 -32.76
C ILE B 442 3.58 31.88 -32.97
N LEU B 443 3.19 32.63 -31.94
CA LEU B 443 3.23 34.08 -32.04
C LEU B 443 4.66 34.59 -32.10
N GLU B 444 5.51 34.11 -31.18
CA GLU B 444 6.93 34.45 -31.23
C GLU B 444 7.53 34.09 -32.59
N ASP B 445 7.10 32.97 -33.17
CA ASP B 445 7.66 32.53 -34.43
C ASP B 445 7.12 33.32 -35.62
N VAL B 446 5.83 33.67 -35.64
CA VAL B 446 5.37 34.50 -36.74
C VAL B 446 6.01 35.89 -36.65
N ASN B 447 6.37 36.33 -35.45
CA ASN B 447 7.14 37.56 -35.34
C ASN B 447 8.55 37.38 -35.90
N LYS B 448 9.21 36.26 -35.55
CA LYS B 448 10.51 35.95 -36.16
C LYS B 448 10.41 35.92 -37.68
N CYS B 449 9.25 35.46 -38.20
CA CYS B 449 9.07 35.31 -39.63
C CYS B 449 8.90 36.65 -40.32
N VAL B 450 8.02 37.50 -39.77
CA VAL B 450 7.84 38.86 -40.30
C VAL B 450 9.14 39.65 -40.19
N ILE B 451 9.96 39.38 -39.17
CA ILE B 451 11.23 40.07 -39.03
C ILE B 451 12.23 39.58 -40.08
N ALA B 452 12.32 38.26 -40.27
CA ALA B 452 13.20 37.73 -41.31
C ALA B 452 12.79 38.20 -42.70
N LEU B 453 11.50 38.48 -42.90
CA LEU B 453 11.06 39.04 -44.18
C LEU B 453 11.42 40.52 -44.28
N GLN B 454 11.14 41.28 -43.22
CA GLN B 454 11.39 42.72 -43.21
C GLN B 454 12.84 43.06 -43.56
N GLU B 455 13.77 42.16 -43.30
CA GLU B 455 15.17 42.34 -43.68
C GLU B 455 15.59 41.44 -44.85
N LYS B 456 14.61 40.83 -45.53
CA LYS B 456 14.88 39.97 -46.69
C LYS B 456 15.86 38.86 -46.36
N ASP B 457 15.70 38.28 -45.16
CA ASP B 457 16.49 37.13 -44.74
C ASP B 457 15.80 35.89 -45.27
N VAL B 458 16.31 35.35 -46.38
CA VAL B 458 15.68 34.20 -47.03
C VAL B 458 15.78 32.96 -46.14
N ASP B 459 16.94 32.74 -45.52
CA ASP B 459 17.12 31.57 -44.67
C ASP B 459 16.21 31.66 -43.44
N GLY B 460 16.22 32.80 -42.76
CA GLY B 460 15.36 32.96 -41.59
C GLY B 460 13.89 32.82 -41.94
N LEU B 461 13.47 33.38 -43.08
CA LEU B 461 12.08 33.25 -43.51
C LEU B 461 11.71 31.80 -43.71
N ASP B 462 12.55 31.04 -44.41
CA ASP B 462 12.28 29.64 -44.67
C ASP B 462 12.21 28.84 -43.37
N ARG B 463 13.21 29.00 -42.50
CA ARG B 463 13.23 28.27 -41.24
C ARG B 463 12.02 28.59 -40.39
N THR B 464 11.65 29.87 -40.32
CA THR B 464 10.54 30.26 -39.47
C THR B 464 9.21 29.78 -40.04
N ALA B 465 9.06 29.81 -41.36
CA ALA B 465 7.83 29.28 -41.95
C ALA B 465 7.71 27.78 -41.74
N GLY B 466 8.84 27.06 -41.85
CA GLY B 466 8.81 25.64 -41.54
C GLY B 466 8.43 25.37 -40.10
N ALA B 467 8.98 26.15 -39.17
CA ALA B 467 8.60 26.00 -37.77
C ALA B 467 7.12 26.28 -37.57
N ILE B 468 6.59 27.33 -38.20
CA ILE B 468 5.18 27.69 -38.03
C ILE B 468 4.28 26.58 -38.56
N ARG B 469 4.60 26.07 -39.76
CA ARG B 469 3.79 25.01 -40.33
C ARG B 469 3.86 23.73 -39.49
N GLY B 470 5.06 23.39 -39.01
CA GLY B 470 5.18 22.21 -38.17
C GLY B 470 4.39 22.34 -36.88
N ARG B 471 4.45 23.51 -36.25
CA ARG B 471 3.68 23.74 -35.02
C ARG B 471 2.18 23.69 -35.29
N ALA B 472 1.75 24.23 -36.45
CA ALA B 472 0.33 24.18 -36.79
C ALA B 472 -0.14 22.74 -36.97
N ALA B 473 0.63 21.93 -37.70
CA ALA B 473 0.25 20.53 -37.90
C ALA B 473 0.27 19.77 -36.57
N ARG B 474 1.26 20.06 -35.72
CA ARG B 474 1.32 19.45 -34.40
C ARG B 474 0.06 19.79 -33.60
N VAL B 475 -0.35 21.06 -33.60
CA VAL B 475 -1.53 21.47 -32.84
C VAL B 475 -2.79 20.83 -33.43
N ILE B 476 -2.85 20.67 -34.74
CA ILE B 476 -4.01 20.05 -35.35
C ILE B 476 -4.12 18.59 -34.93
N HIS B 477 -2.99 17.86 -34.96
CA HIS B 477 -3.02 16.47 -34.52
C HIS B 477 -3.40 16.36 -33.05
N VAL B 478 -2.86 17.25 -32.21
CA VAL B 478 -3.18 17.22 -30.78
C VAL B 478 -4.65 17.52 -30.55
N VAL B 479 -5.21 18.49 -31.27
CA VAL B 479 -6.61 18.85 -31.09
C VAL B 479 -7.52 17.72 -31.55
N THR B 480 -7.19 17.08 -32.67
CA THR B 480 -8.01 15.98 -33.13
C THR B 480 -7.86 14.76 -32.21
N SER B 481 -6.70 14.60 -31.56
CA SER B 481 -6.53 13.48 -30.64
C SER B 481 -7.29 13.70 -29.35
N GLU B 482 -7.26 14.92 -28.82
CA GLU B 482 -8.02 15.26 -27.61
C GLU B 482 -9.48 15.58 -27.91
N MET B 483 -9.89 15.55 -29.17
CA MET B 483 -11.29 15.76 -29.53
C MET B 483 -12.06 14.45 -29.62
N ASP B 484 -11.37 13.31 -29.70
CA ASP B 484 -12.05 12.03 -29.73
C ASP B 484 -12.39 11.52 -28.32
N ASN B 485 -11.82 12.12 -27.28
CA ASN B 485 -12.14 11.73 -25.91
C ASN B 485 -13.55 12.15 -25.52
N TYR B 486 -14.15 13.09 -26.24
CA TYR B 486 -15.51 13.54 -25.99
C TYR B 486 -16.47 12.88 -26.98
N GLU B 487 -17.75 12.88 -26.62
CA GLU B 487 -18.75 12.26 -27.47
C GLU B 487 -18.98 13.13 -28.72
N PRO B 488 -19.39 12.51 -29.83
CA PRO B 488 -19.72 13.31 -31.02
C PRO B 488 -20.86 14.27 -30.77
N GLY B 489 -20.53 15.54 -30.54
CA GLY B 489 -21.54 16.53 -30.21
C GLY B 489 -21.40 17.86 -30.92
N VAL B 490 -22.00 18.91 -30.36
CA VAL B 490 -21.98 20.23 -30.99
C VAL B 490 -20.68 20.95 -30.67
N TYR B 491 -20.21 20.84 -29.42
CA TYR B 491 -18.90 21.40 -29.06
C TYR B 491 -17.80 20.82 -29.93
N THR B 492 -17.78 19.48 -30.05
CA THR B 492 -16.80 18.84 -30.93
C THR B 492 -16.97 19.28 -32.37
N GLU B 493 -18.22 19.49 -32.81
CA GLU B 493 -18.45 19.95 -34.17
C GLU B 493 -17.78 21.30 -34.41
N LYS B 494 -18.07 22.28 -33.55
CA LYS B 494 -17.49 23.61 -33.74
C LYS B 494 -15.96 23.56 -33.66
N VAL B 495 -15.43 22.79 -32.70
CA VAL B 495 -13.99 22.72 -32.51
C VAL B 495 -13.32 22.11 -33.73
N LEU B 496 -13.84 20.97 -34.21
CA LEU B 496 -13.25 20.33 -35.38
C LEU B 496 -13.45 21.17 -36.64
N GLU B 497 -14.51 21.99 -36.68
CA GLU B 497 -14.67 22.90 -37.81
C GLU B 497 -13.57 23.95 -37.82
N ALA B 498 -13.31 24.58 -36.67
CA ALA B 498 -12.18 25.51 -36.59
C ALA B 498 -10.87 24.81 -36.94
N THR B 499 -10.72 23.56 -36.49
CA THR B 499 -9.50 22.80 -36.79
C THR B 499 -9.31 22.62 -38.28
N LYS B 500 -10.30 22.02 -38.96
CA LYS B 500 -10.19 21.80 -40.39
C LYS B 500 -10.15 23.09 -41.19
N LEU B 501 -10.66 24.19 -40.62
CA LEU B 501 -10.53 25.48 -41.29
C LEU B 501 -9.08 25.96 -41.27
N LEU B 502 -8.44 25.90 -40.10
CA LEU B 502 -7.01 26.20 -40.06
C LEU B 502 -6.22 25.20 -40.90
N SER B 503 -6.74 24.00 -41.06
CA SER B 503 -6.07 22.96 -41.84
C SER B 503 -6.08 23.28 -43.33
N ASN B 504 -7.25 23.20 -43.96
CA ASN B 504 -7.37 23.26 -45.41
C ASN B 504 -7.37 24.68 -45.95
N THR B 505 -7.17 25.71 -45.12
CA THR B 505 -7.22 27.08 -45.62
C THR B 505 -6.02 27.89 -45.17
N VAL B 506 -5.91 28.15 -43.87
CA VAL B 506 -4.95 29.14 -43.37
C VAL B 506 -3.52 28.74 -43.72
N MET B 507 -3.15 27.50 -43.41
CA MET B 507 -1.76 27.06 -43.58
C MET B 507 -1.34 26.96 -45.03
N PRO B 508 -2.16 26.43 -45.95
CA PRO B 508 -1.77 26.49 -47.37
C PRO B 508 -1.60 27.91 -47.89
N ARG B 509 -2.48 28.82 -47.50
CA ARG B 509 -2.33 30.23 -47.89
C ARG B 509 -1.00 30.78 -47.39
N PHE B 510 -0.70 30.58 -46.11
CA PHE B 510 0.55 31.05 -45.54
C PHE B 510 1.75 30.44 -46.27
N THR B 511 1.67 29.15 -46.59
CA THR B 511 2.78 28.50 -47.28
C THR B 511 2.99 29.09 -48.67
N GLU B 512 1.90 29.32 -49.40
CA GLU B 512 2.02 29.94 -50.72
C GLU B 512 2.63 31.32 -50.63
N GLN B 513 2.22 32.10 -49.62
CA GLN B 513 2.80 33.42 -49.43
C GLN B 513 4.30 33.33 -49.20
N VAL B 514 4.73 32.44 -48.31
CA VAL B 514 6.15 32.31 -48.01
C VAL B 514 6.92 31.87 -49.24
N GLU B 515 6.35 30.92 -50.01
CA GLU B 515 7.03 30.46 -51.22
C GLU B 515 7.19 31.60 -52.22
N ALA B 516 6.15 32.42 -52.39
CA ALA B 516 6.24 33.56 -53.29
C ALA B 516 7.31 34.53 -52.84
N ALA B 517 7.40 34.79 -51.53
CA ALA B 517 8.40 35.72 -51.03
C ALA B 517 9.82 35.18 -51.26
N VAL B 518 10.03 33.89 -50.96
CA VAL B 518 11.36 33.29 -51.14
C VAL B 518 11.73 33.29 -52.61
N GLU B 519 10.77 33.02 -53.49
CA GLU B 519 11.04 33.07 -54.92
C GLU B 519 11.40 34.46 -55.37
N ALA B 520 10.67 35.48 -54.89
CA ALA B 520 10.97 36.86 -55.25
C ALA B 520 12.36 37.25 -54.80
N LEU B 521 12.79 36.76 -53.64
CA LEU B 521 14.12 37.08 -53.15
C LEU B 521 15.20 36.38 -53.98
N SER B 522 15.11 35.04 -54.08
CA SER B 522 16.13 34.26 -54.77
C SER B 522 15.82 34.19 -56.26
N SER B 523 16.11 35.28 -56.96
CA SER B 523 15.89 35.36 -58.39
C SER B 523 16.93 36.30 -58.99
N ASP B 524 17.19 36.12 -60.29
CA ASP B 524 18.06 37.05 -61.00
C ASP B 524 17.54 38.48 -60.94
N PRO B 525 16.25 38.77 -61.16
CA PRO B 525 15.72 40.07 -60.76
C PRO B 525 15.01 40.01 -59.42
N ALA B 526 15.42 40.85 -58.47
CA ALA B 526 14.76 40.90 -57.18
C ALA B 526 13.37 41.49 -57.32
N GLN B 527 12.34 40.67 -57.08
CA GLN B 527 10.95 41.07 -57.34
C GLN B 527 10.35 41.69 -56.09
N PRO B 528 9.71 42.86 -56.19
CA PRO B 528 9.11 43.46 -54.99
C PRO B 528 7.77 42.83 -54.63
N MET B 529 7.82 41.76 -53.84
CA MET B 529 6.59 41.10 -53.44
C MET B 529 5.75 42.02 -52.55
N ASP B 530 4.45 41.73 -52.50
CA ASP B 530 3.55 42.42 -51.59
C ASP B 530 3.86 41.98 -50.16
N GLU B 531 4.45 42.87 -49.38
CA GLU B 531 4.74 42.59 -47.98
C GLU B 531 3.51 42.66 -47.09
N ASN B 532 2.38 43.12 -47.62
CA ASN B 532 1.17 43.30 -46.81
C ASN B 532 0.41 41.99 -46.64
N GLU B 533 0.12 41.30 -47.75
CA GLU B 533 -0.66 40.08 -47.68
C GLU B 533 0.07 38.97 -46.93
N PHE B 534 1.40 38.97 -46.99
CA PHE B 534 2.21 38.00 -46.26
C PHE B 534 1.96 38.11 -44.76
N ILE B 535 2.07 39.33 -44.23
CA ILE B 535 1.76 39.58 -42.83
C ILE B 535 0.34 39.16 -42.51
N ASP B 536 -0.58 39.32 -43.47
CA ASP B 536 -1.97 38.93 -43.22
C ASP B 536 -2.09 37.41 -43.09
N ALA B 537 -1.37 36.65 -43.92
CA ALA B 537 -1.41 35.20 -43.77
C ALA B 537 -0.78 34.75 -42.45
N SER B 538 0.27 35.45 -42.02
CA SER B 538 0.89 35.12 -40.73
C SER B 538 -0.08 35.39 -39.57
N ARG B 539 -0.67 36.59 -39.54
CA ARG B 539 -1.65 36.88 -38.50
C ARG B 539 -2.86 35.97 -38.61
N LEU B 540 -3.14 35.46 -39.81
CA LEU B 540 -4.21 34.48 -40.00
C LEU B 540 -3.86 33.17 -39.31
N VAL B 541 -2.59 32.73 -39.42
CA VAL B 541 -2.14 31.56 -38.67
C VAL B 541 -2.37 31.77 -37.18
N TYR B 542 -1.90 32.90 -36.66
CA TYR B 542 -2.04 33.17 -35.23
C TYR B 542 -3.51 33.19 -34.82
N ASP B 543 -4.35 33.89 -35.58
CA ASP B 543 -5.74 34.03 -35.20
C ASP B 543 -6.50 32.71 -35.32
N GLY B 544 -6.11 31.85 -36.26
CA GLY B 544 -6.69 30.52 -36.31
C GLY B 544 -6.33 29.71 -35.09
N ILE B 545 -5.06 29.77 -34.67
CA ILE B 545 -4.65 29.06 -33.46
C ILE B 545 -5.44 29.57 -32.26
N ARG B 546 -5.55 30.89 -32.12
CA ARG B 546 -6.26 31.48 -30.99
C ARG B 546 -7.75 31.12 -31.02
N ASP B 547 -8.34 31.12 -32.21
CA ASP B 547 -9.75 30.76 -32.36
C ASP B 547 -9.99 29.32 -31.94
N ILE B 548 -9.15 28.40 -32.41
CA ILE B 548 -9.29 27.00 -32.01
C ILE B 548 -9.08 26.85 -30.52
N ARG B 549 -8.12 27.59 -29.96
CA ARG B 549 -7.87 27.55 -28.52
C ARG B 549 -9.10 27.92 -27.73
N LYS B 550 -9.73 29.04 -28.09
CA LYS B 550 -10.96 29.43 -27.41
C LYS B 550 -12.09 28.44 -27.66
N ALA B 551 -12.11 27.81 -28.84
CA ALA B 551 -13.16 26.85 -29.13
C ALA B 551 -13.08 25.64 -28.21
N VAL B 552 -11.87 25.11 -28.01
CA VAL B 552 -11.68 23.99 -27.09
C VAL B 552 -11.93 24.42 -25.64
N LEU B 553 -11.79 25.70 -25.35
CA LEU B 553 -11.85 26.24 -23.98
C LEU B 553 -13.25 26.66 -23.56
N MET B 554 -14.28 25.92 -23.94
CA MET B 554 -15.65 26.31 -23.66
C MET B 554 -16.43 25.30 -22.82
N ILE B 555 -16.17 24.00 -22.96
CA ILE B 555 -16.99 22.99 -22.32
C ILE B 555 -16.45 22.70 -20.91
N ARG B 556 -15.54 23.56 -20.44
CA ARG B 556 -15.01 23.44 -19.09
C ARG B 556 -14.95 24.82 -18.44
N THR B 557 -15.22 24.84 -17.14
CA THR B 557 -15.24 26.08 -16.34
C THR B 557 -14.05 26.18 -15.38
N PRO B 558 -13.52 25.07 -14.82
CA PRO B 558 -12.32 25.29 -14.01
C PRO B 558 -11.09 25.61 -14.86
#